data_3TP4
#
_entry.id   3TP4
#
_cell.length_a   88.666
_cell.length_b   113.943
_cell.length_c   116.815
_cell.angle_alpha   90.00
_cell.angle_beta   90.00
_cell.angle_gamma   90.00
#
_symmetry.space_group_name_H-M   'P 21 21 21'
#
loop_
_entity.id
_entity.type
_entity.pdbx_description
1 polymer 'computational Design of Enzyme'
2 non-polymer 'ACETIC ACID'
3 non-polymer 'MAGNESIUM ION'
4 non-polymer DI(HYDROXYETHYL)ETHER
5 water water
#
_entity_poly.entity_id   1
_entity_poly.type   'polypeptide(L)'
_entity_poly.pdbx_seq_one_letter_code
;(MSE)ADETIAIVDADATAETRSLLSYLDGVRGEGILFGHHGTTSSGLTTGPTDGTTSDVKNVTGDFPAVFGWSTSIIEG
NQRPGLAENTRDENIALFADYIRKADAIGGVNTVGAGVENFVTGGSFYDTSGDTLRAVLPGGSHHAELVAYLDDIAELAD
ASRRDDGTLIPIVFRPWHENAGSWFWWGAAYGSPGEYQELYRFTVEYLRDVKGVSNFLYAWGPGGGFGGNRDVYLRTYPG
DAFVDVLGLDTYDSTGSDAFLAGLVADLR(MSE)IAEIADEKGKVSAFTRFGVSGGVGTNGSSPAQWFTKVLAAIKADPV
ASRNAY(MSE)ETGENADAGQHFVPVPGDALLEDFQAYAADPFTLFASEVTGAFDRTVAAAPAQPVVHIASPADGARVAS
APTTVRVRVGGTDVQSVTVEVAQGGTVVDTLDLAYDGALWWTAPWSPTSAQLDNSTYTVTATATTAAGTLDVTNEVAAAL
EHHHHHH
;
_entity_poly.pdbx_strand_id   A,B
#
loop_
_chem_comp.id
_chem_comp.type
_chem_comp.name
_chem_comp.formula
ACY non-polymer 'ACETIC ACID' 'C2 H4 O2'
MG non-polymer 'MAGNESIUM ION' 'Mg 2'
PEG non-polymer DI(HYDROXYETHYL)ETHER 'C4 H10 O3'
#
# COMPACT_ATOMS: atom_id res chain seq x y z
N ASP A 3 23.54 2.17 -36.83
CA ASP A 3 23.78 3.37 -36.05
C ASP A 3 22.65 3.62 -35.06
N GLU A 4 22.64 2.85 -33.97
CA GLU A 4 21.55 2.90 -33.01
C GLU A 4 21.99 3.52 -31.68
N THR A 5 21.16 4.42 -31.15
CA THR A 5 21.42 5.06 -29.86
C THR A 5 20.22 4.85 -28.93
N ILE A 6 20.46 4.44 -27.70
CA ILE A 6 19.34 4.23 -26.79
C ILE A 6 19.54 4.84 -25.40
N ALA A 7 18.42 5.17 -24.78
CA ALA A 7 18.41 5.63 -23.40
C ALA A 7 18.62 4.41 -22.52
N ILE A 8 19.71 4.42 -21.75
CA ILE A 8 20.01 3.32 -20.86
C ILE A 8 20.48 3.91 -19.54
N VAL A 9 20.03 3.33 -18.44
CA VAL A 9 20.32 3.87 -17.11
C VAL A 9 21.82 4.04 -16.87
N ASP A 10 22.58 3.02 -17.24
CA ASP A 10 24.03 3.08 -17.10
C ASP A 10 24.66 3.44 -18.45
N ALA A 11 24.98 4.71 -18.63
CA ALA A 11 25.53 5.19 -19.91
C ALA A 11 26.89 4.56 -20.21
N ASP A 12 27.51 3.97 -19.20
CA ASP A 12 28.80 3.30 -19.34
C ASP A 12 28.70 1.77 -19.38
N ALA A 13 27.49 1.24 -19.57
CA ALA A 13 27.28 -0.20 -19.61
C ALA A 13 28.05 -0.83 -20.77
N THR A 14 28.42 -2.09 -20.60
CA THR A 14 29.15 -2.81 -21.64
C THR A 14 28.37 -2.91 -22.95
N ALA A 15 29.09 -3.23 -24.01
CA ALA A 15 28.51 -3.38 -25.34
C ALA A 15 27.39 -4.40 -25.33
N GLU A 16 27.65 -5.54 -24.68
CA GLU A 16 26.68 -6.64 -24.67
C GLU A 16 25.42 -6.23 -23.90
N THR A 17 25.61 -5.44 -22.86
CA THR A 17 24.52 -4.96 -22.02
C THR A 17 23.63 -3.97 -22.78
N ARG A 18 24.26 -3.01 -23.46
CA ARG A 18 23.51 -2.11 -24.34
C ARG A 18 22.82 -2.90 -25.43
N SER A 19 23.51 -3.89 -25.99
CA SER A 19 22.90 -4.75 -26.99
C SER A 19 21.63 -5.41 -26.46
N LEU A 20 21.71 -5.96 -25.25
CA LEU A 20 20.57 -6.66 -24.67
C LEU A 20 19.36 -5.74 -24.56
N LEU A 21 19.59 -4.51 -24.09
CA LEU A 21 18.46 -3.58 -23.94
C LEU A 21 17.81 -3.28 -25.29
N SER A 22 18.64 -3.15 -26.32
CA SER A 22 18.14 -2.97 -27.68
C SER A 22 17.35 -4.19 -28.16
N TYR A 23 17.87 -5.37 -27.88
CA TYR A 23 17.20 -6.60 -28.29
C TYR A 23 15.83 -6.72 -27.62
N LEU A 24 15.77 -6.48 -26.32
CA LEU A 24 14.50 -6.60 -25.59
C LEU A 24 13.46 -5.61 -26.14
N ASP A 25 13.87 -4.40 -26.52
CA ASP A 25 12.91 -3.47 -27.10
C ASP A 25 12.45 -3.98 -28.47
N GLY A 26 13.40 -4.49 -29.25
CA GLY A 26 13.11 -4.94 -30.61
C GLY A 26 12.19 -6.13 -30.70
N VAL A 27 12.22 -6.99 -29.69
CA VAL A 27 11.37 -8.18 -29.73
C VAL A 27 9.89 -7.85 -29.42
N ARG A 28 9.65 -6.72 -28.77
CA ARG A 28 8.29 -6.38 -28.34
C ARG A 28 7.29 -6.40 -29.49
N GLY A 29 6.27 -7.24 -29.37
CA GLY A 29 5.26 -7.40 -30.41
C GLY A 29 5.59 -8.49 -31.42
N GLU A 30 6.84 -8.94 -31.47
CA GLU A 30 7.25 -9.99 -32.40
C GLU A 30 7.19 -11.36 -31.75
N GLY A 31 7.62 -11.43 -30.50
CA GLY A 31 7.55 -12.65 -29.72
C GLY A 31 7.83 -12.30 -28.27
N ILE A 32 7.39 -13.14 -27.35
CA ILE A 32 7.58 -12.84 -25.94
C ILE A 32 8.41 -13.97 -25.31
N LEU A 33 9.55 -13.62 -24.73
CA LEU A 33 10.42 -14.64 -24.14
C LEU A 33 9.77 -15.25 -22.91
N PHE A 34 9.68 -16.57 -22.88
CA PHE A 34 9.21 -17.25 -21.68
C PHE A 34 10.34 -17.40 -20.66
N GLY A 35 10.06 -17.01 -19.43
CA GLY A 35 11.04 -17.12 -18.36
C GLY A 35 10.58 -18.02 -17.23
N HIS A 36 11.54 -18.60 -16.51
CA HIS A 36 11.23 -19.49 -15.40
C HIS A 36 12.25 -19.27 -14.30
N HIS A 37 11.75 -19.16 -13.07
CA HIS A 37 12.58 -18.86 -11.90
C HIS A 37 13.28 -20.11 -11.38
N GLY A 38 14.58 -20.00 -11.16
CA GLY A 38 15.40 -21.09 -10.67
C GLY A 38 15.25 -22.32 -11.55
N THR A 39 15.32 -22.11 -12.85
CA THR A 39 14.84 -23.13 -13.77
C THR A 39 15.78 -24.35 -13.84
N THR A 40 17.06 -24.11 -13.61
CA THR A 40 18.04 -25.19 -13.58
C THR A 40 18.50 -25.54 -12.16
N SER A 41 17.84 -24.96 -11.16
CA SER A 41 18.25 -25.14 -9.77
C SER A 41 17.18 -25.85 -8.93
N SER A 42 15.92 -25.74 -9.35
CA SER A 42 14.82 -26.45 -8.71
C SER A 42 13.98 -27.14 -9.77
N GLY A 43 13.79 -28.46 -9.65
CA GLY A 43 13.00 -29.21 -10.61
C GLY A 43 12.32 -30.43 -10.00
N LEU A 44 11.17 -30.81 -10.56
CA LEU A 44 10.47 -32.02 -10.12
C LEU A 44 10.80 -33.20 -11.01
N THR A 45 11.38 -32.94 -12.18
CA THR A 45 11.66 -34.02 -13.12
C THR A 45 13.15 -34.19 -13.35
N THR A 46 13.95 -33.35 -12.70
CA THR A 46 15.38 -33.30 -12.98
C THR A 46 16.21 -34.18 -12.05
N GLY A 47 15.64 -34.55 -10.91
CA GLY A 47 16.44 -35.09 -9.83
C GLY A 47 17.38 -34.00 -9.36
N PRO A 48 18.49 -34.37 -8.70
CA PRO A 48 19.48 -33.40 -8.21
C PRO A 48 19.95 -32.46 -9.32
N THR A 49 19.89 -31.16 -9.05
CA THR A 49 20.20 -30.15 -10.06
C THR A 49 21.68 -29.76 -10.05
N ASP A 50 22.18 -29.29 -11.20
CA ASP A 50 23.57 -28.83 -11.28
C ASP A 50 23.66 -27.64 -12.22
N GLY A 51 22.53 -27.01 -12.50
CA GLY A 51 22.49 -25.83 -13.35
C GLY A 51 22.50 -26.13 -14.83
N THR A 52 22.34 -27.40 -15.20
CA THR A 52 22.33 -27.78 -16.62
C THR A 52 21.02 -28.45 -17.08
N THR A 53 20.10 -28.70 -16.16
CA THR A 53 18.85 -29.35 -16.52
C THR A 53 17.66 -28.58 -15.94
N SER A 54 16.47 -28.78 -16.54
CA SER A 54 15.28 -28.00 -16.21
C SER A 54 13.98 -28.75 -16.52
N ASP A 55 12.97 -28.62 -15.66
CA ASP A 55 11.64 -29.15 -15.97
C ASP A 55 11.12 -28.59 -17.29
N VAL A 56 11.50 -27.36 -17.60
CA VAL A 56 11.04 -26.71 -18.82
C VAL A 56 11.59 -27.42 -20.04
N LYS A 57 12.88 -27.74 -19.99
CA LYS A 57 13.50 -28.52 -21.04
C LYS A 57 12.85 -29.89 -21.16
N ASN A 58 12.62 -30.56 -20.03
CA ASN A 58 12.04 -31.91 -20.08
C ASN A 58 10.61 -31.93 -20.60
N VAL A 59 9.82 -30.92 -20.26
CA VAL A 59 8.42 -30.91 -20.69
C VAL A 59 8.20 -30.31 -22.09
N THR A 60 9.01 -29.32 -22.48
CA THR A 60 8.78 -28.65 -23.76
C THR A 60 9.80 -28.98 -24.84
N GLY A 61 10.98 -29.46 -24.45
CA GLY A 61 12.02 -29.75 -25.43
C GLY A 61 13.04 -28.62 -25.55
N ASP A 62 12.79 -27.49 -24.86
CA ASP A 62 13.75 -26.38 -24.83
C ASP A 62 13.82 -25.69 -23.45
N PHE A 63 14.94 -25.05 -23.17
CA PHE A 63 15.06 -24.26 -21.95
C PHE A 63 14.32 -22.96 -22.16
N PRO A 64 13.96 -22.27 -21.07
CA PRO A 64 13.30 -20.97 -21.23
C PRO A 64 14.26 -19.96 -21.84
N ALA A 65 13.71 -18.91 -22.44
CA ALA A 65 14.55 -17.82 -22.99
C ALA A 65 15.05 -16.94 -21.85
N VAL A 66 14.30 -16.90 -20.76
CA VAL A 66 14.70 -16.10 -19.60
C VAL A 66 14.91 -17.00 -18.37
N PHE A 67 16.08 -16.90 -17.74
CA PHE A 67 16.38 -17.65 -16.52
C PHE A 67 16.31 -16.68 -15.36
N GLY A 68 15.35 -16.87 -14.46
CA GLY A 68 15.20 -15.98 -13.31
C GLY A 68 15.88 -16.53 -12.06
N TRP A 69 16.34 -15.63 -11.19
CA TRP A 69 17.03 -16.00 -9.95
C TRP A 69 16.76 -14.96 -8.86
N SER A 70 16.85 -15.38 -7.61
CA SER A 70 16.69 -14.43 -6.49
C SER A 70 18.03 -14.18 -5.82
N THR A 71 18.27 -12.97 -5.32
CA THR A 71 19.51 -12.70 -4.59
C THR A 71 19.58 -13.53 -3.32
N SER A 72 18.42 -14.04 -2.92
CA SER A 72 18.29 -15.03 -1.85
C SER A 72 19.33 -16.16 -1.93
N ILE A 73 19.80 -16.45 -3.13
CA ILE A 73 20.80 -17.49 -3.33
C ILE A 73 22.10 -17.17 -2.60
N ILE A 74 22.42 -15.89 -2.48
CA ILE A 74 23.65 -15.48 -1.81
C ILE A 74 23.57 -15.78 -0.32
N GLU A 75 22.37 -15.69 0.23
CA GLU A 75 22.13 -15.92 1.65
C GLU A 75 22.10 -17.42 1.93
N GLY A 76 22.09 -18.22 0.87
CA GLY A 76 22.00 -19.66 1.00
C GLY A 76 20.58 -20.10 1.31
N ASN A 77 19.61 -19.22 1.03
CA ASN A 77 18.21 -19.51 1.30
C ASN A 77 17.46 -20.01 0.07
N GLN A 78 18.21 -20.31 -0.99
CA GLN A 78 17.63 -20.77 -2.24
C GLN A 78 18.75 -21.43 -3.03
N ARG A 79 18.48 -22.62 -3.57
CA ARG A 79 19.48 -23.31 -4.36
C ARG A 79 19.83 -22.45 -5.57
N PRO A 80 21.07 -22.56 -6.07
CA PRO A 80 22.13 -23.49 -5.66
C PRO A 80 22.88 -23.00 -4.44
N GLY A 81 22.32 -22.00 -3.76
CA GLY A 81 22.90 -21.50 -2.53
C GLY A 81 22.71 -22.48 -1.38
N LEU A 82 23.79 -22.67 -0.62
CA LEU A 82 23.78 -23.54 0.54
C LEU A 82 23.97 -22.74 1.82
N ALA A 83 23.11 -22.97 2.81
CA ALA A 83 23.25 -22.32 4.12
C ALA A 83 24.65 -22.50 4.72
N GLU A 84 25.24 -23.67 4.52
CA GLU A 84 26.54 -23.97 5.13
C GLU A 84 27.70 -23.27 4.41
N ASN A 85 27.40 -22.57 3.33
CA ASN A 85 28.44 -21.96 2.51
C ASN A 85 28.87 -20.58 2.97
N THR A 86 30.06 -20.16 2.55
CA THR A 86 30.44 -18.76 2.66
C THR A 86 29.64 -18.00 1.60
N ARG A 87 29.30 -16.75 1.88
CA ARG A 87 28.61 -15.93 0.91
C ARG A 87 29.41 -15.90 -0.40
N ASP A 88 30.74 -15.91 -0.29
CA ASP A 88 31.60 -15.86 -1.47
C ASP A 88 31.45 -17.08 -2.38
N GLU A 89 31.13 -18.24 -1.80
CA GLU A 89 31.00 -19.45 -2.60
C GLU A 89 29.58 -19.65 -3.11
N ASN A 90 28.61 -19.21 -2.32
CA ASN A 90 27.24 -19.10 -2.83
C ASN A 90 27.22 -18.16 -4.03
N ILE A 91 28.04 -17.12 -3.98
CA ILE A 91 28.15 -16.16 -5.09
C ILE A 91 28.83 -16.78 -6.30
N ALA A 92 29.82 -17.64 -6.07
CA ALA A 92 30.50 -18.31 -7.16
C ALA A 92 29.58 -19.32 -7.84
N LEU A 93 28.75 -19.99 -7.06
CA LEU A 93 27.74 -20.90 -7.57
C LEU A 93 26.69 -20.13 -8.40
N PHE A 94 26.17 -19.06 -7.83
CA PHE A 94 25.21 -18.18 -8.48
C PHE A 94 25.80 -17.82 -9.84
N ALA A 95 27.03 -17.32 -9.83
CA ALA A 95 27.71 -16.92 -11.05
C ALA A 95 27.86 -18.07 -12.02
N ASP A 96 28.11 -19.27 -11.50
CA ASP A 96 28.28 -20.45 -12.35
C ASP A 96 26.98 -20.78 -13.09
N TYR A 97 25.86 -20.74 -12.38
CA TYR A 97 24.56 -21.01 -12.96
C TYR A 97 24.16 -19.95 -13.98
N ILE A 98 24.56 -18.71 -13.75
CA ILE A 98 24.32 -17.62 -14.70
C ILE A 98 25.14 -17.84 -15.96
N ARG A 99 26.38 -18.28 -15.78
CA ARG A 99 27.24 -18.59 -16.92
C ARG A 99 26.66 -19.73 -17.76
N LYS A 100 26.18 -20.76 -17.07
CA LYS A 100 25.57 -21.91 -17.73
C LYS A 100 24.34 -21.50 -18.54
N ALA A 101 23.58 -20.56 -17.99
CA ALA A 101 22.36 -20.11 -18.65
C ALA A 101 22.74 -19.33 -19.89
N ASP A 102 23.76 -18.47 -19.75
CA ASP A 102 24.26 -17.71 -20.87
C ASP A 102 24.75 -18.67 -21.95
N ALA A 103 25.42 -19.73 -21.54
CA ALA A 103 25.98 -20.68 -22.50
C ALA A 103 24.86 -21.44 -23.20
N ILE A 104 23.79 -21.72 -22.44
CA ILE A 104 22.60 -22.33 -23.02
C ILE A 104 21.96 -21.41 -24.06
N GLY A 105 22.10 -20.11 -23.86
CA GLY A 105 21.53 -19.14 -24.78
C GLY A 105 20.41 -18.30 -24.18
N GLY A 106 20.19 -18.46 -22.88
CA GLY A 106 19.14 -17.72 -22.20
C GLY A 106 19.56 -16.32 -21.74
N VAL A 107 18.57 -15.52 -21.35
CA VAL A 107 18.80 -14.18 -20.77
C VAL A 107 18.58 -14.27 -19.25
N ASN A 108 19.46 -13.66 -18.48
CA ASN A 108 19.38 -13.77 -17.03
C ASN A 108 18.70 -12.58 -16.37
N THR A 109 17.80 -12.87 -15.45
CA THR A 109 17.24 -11.82 -14.59
C THR A 109 17.44 -12.20 -13.12
N VAL A 110 17.82 -11.20 -12.32
CA VAL A 110 18.09 -11.40 -10.89
C VAL A 110 17.29 -10.36 -10.11
N GLY A 111 16.48 -10.84 -9.17
CA GLY A 111 15.61 -9.96 -8.41
C GLY A 111 15.95 -9.99 -6.93
N ALA A 112 15.82 -8.86 -6.25
CA ALA A 112 16.02 -8.81 -4.81
C ALA A 112 14.67 -8.54 -4.16
N GLY A 113 14.14 -9.56 -3.48
CA GLY A 113 12.84 -9.44 -2.84
C GLY A 113 12.94 -8.63 -1.57
N VAL A 114 11.83 -8.46 -0.86
CA VAL A 114 11.87 -7.64 0.34
C VAL A 114 11.79 -8.46 1.64
N GLU A 115 12.25 -9.71 1.58
CA GLU A 115 12.25 -10.57 2.76
C GLU A 115 13.06 -9.98 3.91
N ASN A 116 14.23 -9.43 3.61
CA ASN A 116 15.08 -8.85 4.64
C ASN A 116 14.42 -7.70 5.38
N PHE A 117 13.32 -7.19 4.85
CA PHE A 117 12.61 -6.06 5.45
C PHE A 117 11.57 -6.50 6.48
N VAL A 118 11.54 -7.79 6.79
CA VAL A 118 10.63 -8.33 7.80
C VAL A 118 11.40 -9.03 8.93
N THR A 119 10.65 -9.63 9.86
CA THR A 119 11.22 -10.20 11.10
C THR A 119 12.58 -10.88 10.94
N GLY A 120 12.57 -12.08 10.35
CA GLY A 120 13.79 -12.86 10.23
C GLY A 120 14.85 -12.21 9.36
N GLY A 121 14.48 -11.14 8.67
CA GLY A 121 15.37 -10.48 7.73
C GLY A 121 16.46 -9.66 8.39
N SER A 122 17.56 -9.46 7.66
CA SER A 122 18.74 -8.77 8.19
C SER A 122 18.65 -7.24 8.16
N PHE A 123 17.63 -6.69 7.50
CA PHE A 123 17.41 -5.24 7.51
C PHE A 123 16.38 -4.89 8.56
N TYR A 124 15.90 -5.90 9.29
CA TYR A 124 14.77 -5.70 10.18
C TYR A 124 15.04 -4.72 11.32
N ASP A 125 14.22 -3.69 11.39
CA ASP A 125 14.30 -2.71 12.45
C ASP A 125 13.13 -2.89 13.43
N ASP A 129 8.41 -0.18 9.09
CA ASP A 129 9.20 1.03 8.95
C ASP A 129 10.68 0.73 8.72
N THR A 130 10.96 -0.46 8.21
CA THR A 130 12.34 -0.82 7.95
C THR A 130 12.81 -0.21 6.63
N LEU A 131 11.87 0.37 5.89
CA LEU A 131 12.22 1.12 4.68
C LEU A 131 13.06 2.34 5.08
N ARG A 132 12.53 3.14 6.00
CA ARG A 132 13.30 4.25 6.59
C ARG A 132 14.67 3.83 7.11
N ALA A 133 14.74 2.65 7.71
CA ALA A 133 15.94 2.19 8.41
C ALA A 133 17.14 1.94 7.50
N VAL A 134 16.89 1.57 6.25
CA VAL A 134 17.99 1.24 5.33
C VAL A 134 18.46 2.45 4.52
N LEU A 135 17.70 3.55 4.55
CA LEU A 135 18.10 4.77 3.83
C LEU A 135 19.35 5.38 4.48
N PRO A 136 20.03 6.29 3.76
CA PRO A 136 21.22 6.96 4.29
C PRO A 136 20.93 7.62 5.65
N GLY A 137 21.78 7.37 6.63
CA GLY A 137 21.58 7.90 7.97
C GLY A 137 20.90 6.89 8.87
N GLY A 138 20.33 5.86 8.27
CA GLY A 138 19.51 4.91 9.00
C GLY A 138 20.27 3.92 9.84
N SER A 139 19.56 3.33 10.80
CA SER A 139 20.13 2.35 11.73
C SER A 139 20.65 1.13 11.01
N HIS A 140 20.07 0.81 9.85
CA HIS A 140 20.52 -0.36 9.10
C HIS A 140 21.10 -0.04 7.73
N HIS A 141 21.46 1.21 7.47
CA HIS A 141 22.03 1.55 6.17
C HIS A 141 23.25 0.66 5.82
N ALA A 142 24.10 0.40 6.80
CA ALA A 142 25.30 -0.42 6.56
C ALA A 142 24.96 -1.84 6.09
N GLU A 143 23.91 -2.42 6.66
CA GLU A 143 23.46 -3.74 6.18
C GLU A 143 23.11 -3.67 4.69
N LEU A 144 22.37 -2.63 4.32
CA LEU A 144 21.98 -2.45 2.92
C LEU A 144 23.23 -2.39 2.05
N VAL A 145 24.16 -1.52 2.43
CA VAL A 145 25.38 -1.33 1.64
C VAL A 145 26.15 -2.64 1.49
N ALA A 146 26.26 -3.42 2.56
CA ALA A 146 26.96 -4.68 2.49
C ALA A 146 26.21 -5.65 1.58
N TYR A 147 24.88 -5.64 1.65
CA TYR A 147 24.08 -6.45 0.74
C TYR A 147 24.37 -6.08 -0.71
N LEU A 148 24.42 -4.78 -1.00
CA LEU A 148 24.74 -4.32 -2.35
C LEU A 148 26.17 -4.70 -2.79
N ASP A 149 27.13 -4.61 -1.88
CA ASP A 149 28.50 -5.04 -2.19
C ASP A 149 28.52 -6.48 -2.73
N ASP A 150 27.75 -7.36 -2.08
CA ASP A 150 27.66 -8.75 -2.51
C ASP A 150 27.07 -8.82 -3.91
N ILE A 151 26.06 -7.99 -4.18
CA ILE A 151 25.46 -7.98 -5.51
C ILE A 151 26.48 -7.51 -6.53
N ALA A 152 27.27 -6.50 -6.17
CA ALA A 152 28.30 -6.03 -7.07
C ALA A 152 29.33 -7.14 -7.35
N GLU A 153 29.60 -7.93 -6.32
CA GLU A 153 30.51 -9.08 -6.45
C GLU A 153 29.96 -10.09 -7.46
N LEU A 154 28.66 -10.36 -7.35
CA LEU A 154 28.00 -11.30 -8.26
C LEU A 154 28.08 -10.77 -9.69
N ALA A 155 27.76 -9.49 -9.84
CA ALA A 155 27.83 -8.85 -11.15
C ALA A 155 29.20 -9.08 -11.78
N ASP A 156 30.26 -8.80 -11.02
CA ASP A 156 31.62 -8.91 -11.57
C ASP A 156 32.04 -10.34 -11.87
N ALA A 157 31.50 -11.31 -11.13
CA ALA A 157 31.81 -12.72 -11.33
C ALA A 157 31.03 -13.35 -12.51
N SER A 158 29.95 -12.73 -12.91
CA SER A 158 29.15 -13.25 -14.02
C SER A 158 29.79 -12.91 -15.35
N ARG A 159 30.82 -13.69 -15.69
CA ARG A 159 31.62 -13.46 -16.89
C ARG A 159 31.74 -14.77 -17.68
N ARG A 160 31.69 -14.66 -18.99
CA ARG A 160 31.96 -15.80 -19.85
C ARG A 160 33.43 -16.20 -19.75
N ASP A 161 33.75 -17.37 -20.30
CA ASP A 161 35.11 -17.91 -20.21
C ASP A 161 36.11 -16.94 -20.81
N ASP A 162 35.70 -16.26 -21.87
CA ASP A 162 36.57 -15.28 -22.51
C ASP A 162 36.61 -13.96 -21.73
N GLY A 163 36.03 -13.95 -20.54
CA GLY A 163 36.10 -12.78 -19.67
C GLY A 163 34.98 -11.77 -19.82
N THR A 164 34.18 -11.91 -20.87
CA THR A 164 33.09 -10.98 -21.14
C THR A 164 32.02 -10.99 -20.04
N LEU A 165 31.67 -9.82 -19.52
CA LEU A 165 30.59 -9.73 -18.56
C LEU A 165 29.29 -10.14 -19.23
N ILE A 166 28.50 -10.94 -18.52
CA ILE A 166 27.17 -11.34 -18.98
C ILE A 166 26.13 -10.32 -18.49
N PRO A 167 25.36 -9.73 -19.42
CA PRO A 167 24.36 -8.75 -18.97
C PRO A 167 23.30 -9.40 -18.09
N ILE A 168 22.82 -8.64 -17.11
CA ILE A 168 21.84 -9.12 -16.15
C ILE A 168 20.74 -8.08 -15.97
N VAL A 169 19.49 -8.51 -16.07
CA VAL A 169 18.37 -7.62 -15.77
C VAL A 169 18.14 -7.70 -14.28
N PHE A 170 18.57 -6.65 -13.57
CA PHE A 170 18.54 -6.63 -12.11
C PHE A 170 17.32 -5.87 -11.64
N ARG A 171 16.52 -6.51 -10.79
CA ARG A 171 15.28 -5.94 -10.29
C ARG A 171 15.36 -5.73 -8.79
N PRO A 172 15.76 -4.54 -8.35
CA PRO A 172 15.99 -4.31 -6.91
C PRO A 172 14.73 -3.94 -6.12
N TRP A 173 14.42 -4.78 -5.12
CA TRP A 173 13.39 -4.49 -4.10
C TRP A 173 11.96 -4.59 -4.61
N HIS A 174 11.48 -5.83 -4.76
CA HIS A 174 10.10 -6.07 -5.16
C HIS A 174 9.43 -7.08 -4.20
N GLU A 175 8.12 -6.99 -4.10
CA GLU A 175 7.32 -7.76 -3.15
C GLU A 175 7.06 -9.16 -3.66
N ASN A 176 7.34 -10.17 -2.85
CA ASN A 176 7.11 -11.56 -3.27
C ASN A 176 5.74 -12.15 -2.92
N ALA A 177 4.93 -11.43 -2.16
CA ALA A 177 3.52 -11.81 -1.96
C ALA A 177 2.65 -10.73 -2.61
N GLY A 178 1.36 -10.98 -2.88
CA GLY A 178 0.71 -12.28 -2.82
C GLY A 178 0.35 -12.62 -4.26
N SER A 179 -0.86 -12.28 -4.69
CA SER A 179 -1.26 -12.46 -6.11
C SER A 179 -1.09 -11.19 -6.94
N TRP A 180 -1.07 -10.03 -6.27
CA TRP A 180 -0.88 -8.76 -6.98
C TRP A 180 0.45 -8.12 -6.67
N PHE A 181 1.11 -8.57 -5.62
CA PHE A 181 2.52 -8.20 -5.36
C PHE A 181 2.78 -6.71 -5.14
N TRP A 182 1.87 -5.99 -4.50
CA TRP A 182 2.18 -4.59 -4.15
C TRP A 182 3.00 -4.61 -2.86
N TRP A 183 4.09 -3.86 -2.82
CA TRP A 183 4.85 -3.74 -1.58
C TRP A 183 4.17 -2.68 -0.73
N GLY A 184 3.43 -3.09 0.30
CA GLY A 184 2.69 -2.13 1.11
C GLY A 184 3.53 -0.97 1.65
N ALA A 185 4.76 -1.25 2.08
CA ALA A 185 5.60 -0.18 2.61
C ALA A 185 5.92 0.88 1.53
N ALA A 186 6.15 0.42 0.32
CA ALA A 186 6.50 1.33 -0.79
C ALA A 186 5.32 2.22 -1.16
N TYR A 187 4.13 1.64 -1.20
CA TYR A 187 2.93 2.43 -1.46
C TYR A 187 2.63 3.39 -0.29
N GLY A 188 2.94 2.95 0.92
CA GLY A 188 2.71 3.78 2.10
C GLY A 188 3.64 4.97 2.16
N SER A 189 4.87 4.79 1.68
CA SER A 189 5.86 5.87 1.65
C SER A 189 6.66 5.84 0.35
N PRO A 190 6.05 6.32 -0.74
CA PRO A 190 6.66 6.14 -2.06
C PRO A 190 7.94 6.94 -2.23
N GLY A 191 8.04 8.07 -1.55
CA GLY A 191 9.24 8.88 -1.61
C GLY A 191 10.44 8.12 -1.05
N GLU A 192 10.21 7.34 0.00
CA GLU A 192 11.29 6.58 0.61
C GLU A 192 11.65 5.40 -0.28
N TYR A 193 10.65 4.78 -0.91
CA TYR A 193 10.95 3.73 -1.87
C TYR A 193 11.82 4.29 -3.02
N GLN A 194 11.44 5.47 -3.51
CA GLN A 194 12.17 6.07 -4.62
C GLN A 194 13.61 6.37 -4.24
N GLU A 195 13.86 6.86 -3.03
CA GLU A 195 15.22 7.12 -2.64
C GLU A 195 16.01 5.84 -2.44
N LEU A 196 15.34 4.78 -1.98
CA LEU A 196 16.00 3.48 -1.81
C LEU A 196 16.43 2.95 -3.18
N TYR A 197 15.51 2.99 -4.14
CA TYR A 197 15.80 2.48 -5.47
C TYR A 197 16.93 3.30 -6.09
N ARG A 198 16.85 4.62 -5.97
CA ARG A 198 17.82 5.53 -6.58
C ARG A 198 19.21 5.32 -6.00
N PHE A 199 19.30 5.25 -4.67
CA PHE A 199 20.56 4.93 -4.01
C PHE A 199 21.10 3.60 -4.48
N THR A 200 20.23 2.60 -4.58
CA THR A 200 20.67 1.28 -5.02
C THR A 200 21.36 1.38 -6.38
N VAL A 201 20.75 2.12 -7.29
CA VAL A 201 21.29 2.26 -8.64
C VAL A 201 22.61 3.02 -8.60
N GLU A 202 22.64 4.10 -7.83
CA GLU A 202 23.81 4.95 -7.75
C GLU A 202 24.98 4.24 -7.05
N TYR A 203 24.68 3.55 -5.95
CA TYR A 203 25.74 2.79 -5.27
C TYR A 203 26.35 1.74 -6.20
N LEU A 204 25.51 0.93 -6.84
CA LEU A 204 26.02 -0.10 -7.74
C LEU A 204 26.76 0.49 -8.95
N ARG A 205 26.13 1.45 -9.62
CA ARG A 205 26.69 1.99 -10.85
C ARG A 205 27.84 2.96 -10.59
N ASP A 206 27.59 3.96 -9.77
CA ASP A 206 28.54 5.06 -9.62
C ASP A 206 29.60 4.76 -8.58
N VAL A 207 29.20 4.08 -7.51
CA VAL A 207 30.13 3.78 -6.44
C VAL A 207 30.91 2.49 -6.72
N LYS A 208 30.24 1.43 -7.15
CA LYS A 208 30.93 0.15 -7.36
C LYS A 208 31.40 -0.09 -8.80
N GLY A 209 30.87 0.67 -9.75
CA GLY A 209 31.27 0.52 -11.14
C GLY A 209 30.65 -0.65 -11.88
N VAL A 210 29.51 -1.14 -11.39
CA VAL A 210 28.80 -2.20 -12.09
C VAL A 210 28.43 -1.74 -13.48
N SER A 211 28.76 -2.54 -14.50
CA SER A 211 28.55 -2.13 -15.87
C SER A 211 27.74 -3.13 -16.69
N ASN A 212 27.29 -4.20 -16.06
CA ASN A 212 26.54 -5.23 -16.79
C ASN A 212 25.10 -5.42 -16.28
N PHE A 213 24.54 -4.37 -15.68
CA PHE A 213 23.14 -4.38 -15.25
C PHE A 213 22.22 -3.53 -16.13
N LEU A 214 21.04 -4.09 -16.40
CA LEU A 214 19.87 -3.32 -16.82
C LEU A 214 18.96 -3.31 -15.60
N TYR A 215 18.25 -2.21 -15.38
CA TYR A 215 17.51 -2.03 -14.14
C TYR A 215 16.01 -2.17 -14.35
N ALA A 216 15.41 -3.14 -13.66
CA ALA A 216 13.99 -3.40 -13.79
C ALA A 216 13.23 -2.93 -12.56
N TRP A 217 12.00 -2.47 -12.78
CA TRP A 217 11.08 -2.07 -11.73
C TRP A 217 9.67 -2.46 -12.15
N GLY A 218 8.98 -3.19 -11.28
CA GLY A 218 7.56 -3.49 -11.50
C GLY A 218 6.85 -3.34 -10.18
N PRO A 219 5.76 -2.54 -10.14
CA PRO A 219 5.16 -2.20 -8.85
C PRO A 219 4.10 -3.19 -8.38
N GLY A 220 3.84 -4.23 -9.16
CA GLY A 220 2.79 -5.19 -8.81
C GLY A 220 1.87 -5.40 -10.00
N GLY A 221 0.59 -5.66 -9.74
CA GLY A 221 -0.38 -5.86 -10.81
C GLY A 221 -1.81 -5.55 -10.40
N GLY A 222 -2.72 -5.68 -11.36
CA GLY A 222 -4.13 -5.41 -11.12
C GLY A 222 -4.38 -3.94 -10.91
N PHE A 223 -3.98 -3.12 -11.87
CA PHE A 223 -4.14 -1.67 -11.76
C PHE A 223 -5.38 -1.13 -12.49
N GLY A 224 -6.04 -1.97 -13.27
CA GLY A 224 -7.19 -1.52 -14.03
C GLY A 224 -6.76 -0.52 -15.08
N GLY A 225 -5.50 -0.60 -15.46
CA GLY A 225 -4.95 0.28 -16.47
C GLY A 225 -4.84 1.72 -16.01
N ASN A 226 -4.87 1.93 -14.69
CA ASN A 226 -4.78 3.27 -14.11
C ASN A 226 -3.35 3.73 -13.88
N ARG A 227 -2.88 4.66 -14.71
CA ARG A 227 -1.46 4.99 -14.76
C ARG A 227 -0.92 5.61 -13.48
N ASP A 228 -1.69 6.49 -12.85
CA ASP A 228 -1.22 7.16 -11.65
C ASP A 228 -1.06 6.20 -10.49
N VAL A 229 -1.87 5.15 -10.44
CA VAL A 229 -1.70 4.13 -9.41
C VAL A 229 -0.42 3.31 -9.71
N TYR A 230 -0.27 2.89 -10.97
CA TYR A 230 0.92 2.16 -11.40
C TYR A 230 2.20 2.95 -11.12
N LEU A 231 2.16 4.26 -11.37
CA LEU A 231 3.38 5.07 -11.23
C LEU A 231 3.65 5.61 -9.82
N ARG A 232 2.82 5.25 -8.85
CA ARG A 232 3.01 5.79 -7.49
C ARG A 232 4.45 5.65 -6.98
N THR A 233 5.08 4.50 -7.23
CA THR A 233 6.40 4.23 -6.69
C THR A 233 7.51 4.28 -7.73
N TYR A 234 7.21 4.85 -8.90
CA TYR A 234 8.17 4.90 -10.00
C TYR A 234 9.45 5.67 -9.64
N PRO A 235 10.61 5.04 -9.78
CA PRO A 235 11.86 5.72 -9.39
C PRO A 235 12.29 6.85 -10.33
N GLY A 236 11.82 6.85 -11.56
CA GLY A 236 12.17 7.91 -12.50
C GLY A 236 12.88 7.40 -13.75
N ASP A 237 12.78 8.16 -14.84
CA ASP A 237 13.37 7.78 -16.12
C ASP A 237 14.87 7.55 -16.07
N ALA A 238 15.57 8.29 -15.22
CA ALA A 238 17.03 8.14 -15.14
C ALA A 238 17.44 6.88 -14.40
N PHE A 239 16.46 6.13 -13.91
CA PHE A 239 16.76 5.03 -12.99
C PHE A 239 16.23 3.66 -13.41
N VAL A 240 15.31 3.62 -14.37
CA VAL A 240 14.67 2.38 -14.78
C VAL A 240 14.85 2.11 -16.28
N ASP A 241 15.29 0.90 -16.64
CA ASP A 241 15.38 0.49 -18.05
C ASP A 241 14.14 -0.32 -18.49
N VAL A 242 13.62 -1.15 -17.59
CA VAL A 242 12.54 -2.09 -17.91
C VAL A 242 11.36 -1.91 -16.95
N LEU A 243 10.18 -1.69 -17.50
CA LEU A 243 8.98 -1.49 -16.72
C LEU A 243 8.19 -2.78 -16.66
N GLY A 244 7.82 -3.19 -15.45
CA GLY A 244 7.22 -4.51 -15.26
C GLY A 244 5.78 -4.55 -14.79
N LEU A 245 5.31 -5.77 -14.53
CA LEU A 245 3.94 -6.03 -14.11
C LEU A 245 3.91 -7.45 -13.57
N ASP A 246 3.33 -7.62 -12.40
CA ASP A 246 3.27 -8.92 -11.75
C ASP A 246 1.83 -9.31 -11.47
N THR A 247 1.36 -10.39 -12.10
CA THR A 247 -0.04 -10.78 -11.97
C THR A 247 -0.18 -12.30 -11.98
N TYR A 248 -0.66 -12.84 -10.87
CA TYR A 248 -1.01 -14.25 -10.79
C TYR A 248 -2.53 -14.36 -10.71
N ASP A 249 -3.09 -15.41 -11.30
CA ASP A 249 -4.53 -15.63 -11.27
C ASP A 249 -4.80 -17.12 -11.32
N SER A 250 -5.89 -17.55 -10.67
CA SER A 250 -6.30 -18.94 -10.74
C SER A 250 -7.73 -19.12 -11.26
N THR A 251 -8.38 -18.03 -11.67
CA THR A 251 -9.74 -18.11 -12.23
C THR A 251 -9.77 -18.35 -13.73
N GLY A 252 -8.84 -17.76 -14.47
CA GLY A 252 -8.87 -17.84 -15.92
C GLY A 252 -10.08 -17.13 -16.51
N SER A 253 -10.68 -16.24 -15.73
CA SER A 253 -11.95 -15.63 -16.12
C SER A 253 -11.82 -14.60 -17.24
N ASP A 254 -12.89 -14.36 -17.98
CA ASP A 254 -12.89 -13.30 -18.98
C ASP A 254 -12.56 -11.97 -18.34
N ALA A 255 -13.08 -11.76 -17.14
CA ALA A 255 -12.85 -10.51 -16.41
C ALA A 255 -11.37 -10.35 -16.06
N PHE A 256 -10.75 -11.42 -15.56
CA PHE A 256 -9.33 -11.35 -15.26
C PHE A 256 -8.53 -11.02 -16.53
N LEU A 257 -8.84 -11.72 -17.61
CA LEU A 257 -8.12 -11.51 -18.85
C LEU A 257 -8.24 -10.08 -19.34
N ALA A 258 -9.45 -9.53 -19.26
CA ALA A 258 -9.65 -8.13 -19.66
C ALA A 258 -8.80 -7.19 -18.83
N GLY A 259 -8.75 -7.42 -17.52
CA GLY A 259 -7.93 -6.60 -16.63
C GLY A 259 -6.45 -6.72 -16.94
N LEU A 260 -6.01 -7.93 -17.23
CA LEU A 260 -4.60 -8.16 -17.56
C LEU A 260 -4.21 -7.39 -18.82
N VAL A 261 -5.06 -7.50 -19.85
CA VAL A 261 -4.80 -6.82 -21.12
C VAL A 261 -4.72 -5.31 -20.96
N ALA A 262 -5.61 -4.73 -20.17
CA ALA A 262 -5.55 -3.29 -19.90
C ALA A 262 -4.21 -2.86 -19.28
N ASP A 263 -3.75 -3.61 -18.29
CA ASP A 263 -2.46 -3.32 -17.67
C ASP A 263 -1.29 -3.55 -18.63
N LEU A 264 -1.35 -4.62 -19.40
CA LEU A 264 -0.26 -4.88 -20.35
C LEU A 264 -0.20 -3.80 -21.43
N ARG A 265 -1.36 -3.31 -21.86
CA ARG A 265 -1.39 -2.20 -22.81
C ARG A 265 -0.75 -1.00 -22.16
N MSE A 266 -1.16 -0.72 -20.93
CA MSE A 266 -0.67 0.45 -20.22
C MSE A 266 0.85 0.47 -20.09
O MSE A 266 1.49 1.47 -20.40
CB MSE A 266 -1.28 0.51 -18.83
CG MSE A 266 -0.73 1.62 -17.99
SE MSE A 266 -1.38 1.43 -16.16
CE MSE A 266 -0.46 -0.21 -15.62
N ILE A 267 1.44 -0.63 -19.63
CA ILE A 267 2.89 -0.62 -19.46
C ILE A 267 3.64 -0.47 -20.80
N ALA A 268 3.12 -1.09 -21.86
CA ALA A 268 3.71 -0.97 -23.19
C ALA A 268 3.63 0.49 -23.65
N GLU A 269 2.52 1.15 -23.36
CA GLU A 269 2.31 2.54 -23.77
C GLU A 269 3.29 3.44 -23.03
N ILE A 270 3.43 3.22 -21.73
CA ILE A 270 4.35 4.03 -20.93
C ILE A 270 5.79 3.81 -21.40
N ALA A 271 6.15 2.54 -21.59
CA ALA A 271 7.46 2.21 -22.13
C ALA A 271 7.69 2.94 -23.46
N ASP A 272 6.75 2.77 -24.39
CA ASP A 272 6.89 3.42 -25.71
C ASP A 272 7.10 4.93 -25.60
N GLU A 273 6.32 5.58 -24.73
CA GLU A 273 6.46 7.02 -24.58
C GLU A 273 7.82 7.41 -24.02
N LYS A 274 8.40 6.54 -23.19
CA LYS A 274 9.68 6.88 -22.56
C LYS A 274 10.88 6.36 -23.34
N GLY A 275 10.61 5.61 -24.40
CA GLY A 275 11.67 4.97 -25.17
C GLY A 275 12.32 3.86 -24.36
N LYS A 276 11.52 3.21 -23.51
CA LYS A 276 12.01 2.15 -22.65
C LYS A 276 11.43 0.80 -23.06
N VAL A 277 11.79 -0.24 -22.32
CA VAL A 277 11.27 -1.59 -22.53
C VAL A 277 10.23 -1.92 -21.48
N SER A 278 9.14 -2.56 -21.88
CA SER A 278 8.19 -3.09 -20.91
C SER A 278 8.20 -4.61 -20.98
N ALA A 279 7.89 -5.26 -19.87
CA ALA A 279 7.87 -6.73 -19.83
C ALA A 279 6.83 -7.19 -18.82
N PHE A 280 6.24 -8.35 -19.07
CA PHE A 280 5.29 -8.97 -18.14
C PHE A 280 6.14 -9.73 -17.09
N THR A 281 6.77 -8.99 -16.18
CA THR A 281 7.83 -9.54 -15.36
C THR A 281 7.46 -10.79 -14.60
N ARG A 282 6.25 -10.86 -14.08
CA ARG A 282 5.82 -12.06 -13.38
C ARG A 282 4.40 -12.46 -13.74
N PHE A 283 4.24 -13.73 -14.09
CA PHE A 283 2.93 -14.28 -14.40
C PHE A 283 2.86 -15.72 -13.90
N GLY A 284 1.65 -16.19 -13.62
CA GLY A 284 1.48 -17.59 -13.23
C GLY A 284 0.11 -17.87 -12.64
N VAL A 285 -0.18 -19.15 -12.44
CA VAL A 285 -1.40 -19.56 -11.75
C VAL A 285 -1.23 -19.31 -10.25
N SER A 286 -2.16 -18.57 -9.63
CA SER A 286 -2.07 -18.31 -8.19
C SER A 286 -1.99 -19.63 -7.44
N GLY A 287 -0.95 -19.78 -6.62
CA GLY A 287 -0.75 -20.98 -5.84
C GLY A 287 -0.06 -22.08 -6.62
N GLY A 288 0.23 -21.83 -7.89
CA GLY A 288 0.92 -22.81 -8.69
C GLY A 288 -0.04 -23.81 -9.31
N VAL A 289 0.51 -24.80 -10.02
CA VAL A 289 -0.30 -25.77 -10.73
C VAL A 289 -0.16 -27.16 -10.11
N GLY A 290 0.47 -27.22 -8.94
CA GLY A 290 0.64 -28.48 -8.26
C GLY A 290 -0.44 -28.74 -7.22
N THR A 291 -0.09 -29.57 -6.23
CA THR A 291 -1.02 -30.04 -5.21
C THR A 291 -1.79 -28.94 -4.49
N ASN A 292 -1.07 -27.93 -4.03
CA ASN A 292 -1.68 -26.84 -3.29
C ASN A 292 -2.18 -25.74 -4.22
N GLY A 293 -2.14 -26.01 -5.52
CA GLY A 293 -2.53 -25.01 -6.49
C GLY A 293 -3.85 -25.29 -7.16
N SER A 294 -3.99 -24.81 -8.39
CA SER A 294 -5.20 -24.98 -9.17
C SER A 294 -4.85 -25.40 -10.59
N SER A 295 -5.85 -25.87 -11.33
CA SER A 295 -5.66 -26.21 -12.73
C SER A 295 -6.74 -25.55 -13.58
N PRO A 296 -6.81 -24.21 -13.53
CA PRO A 296 -7.80 -23.56 -14.38
C PRO A 296 -7.61 -24.01 -15.83
N ALA A 297 -8.69 -24.44 -16.49
CA ALA A 297 -8.60 -25.06 -17.81
C ALA A 297 -7.98 -24.14 -18.87
N GLN A 298 -7.00 -24.68 -19.59
CA GLN A 298 -6.33 -23.98 -20.69
C GLN A 298 -5.85 -22.59 -20.31
N TRP A 299 -5.38 -22.45 -19.07
CA TRP A 299 -5.03 -21.14 -18.54
C TRP A 299 -3.88 -20.51 -19.33
N PHE A 300 -2.82 -21.28 -19.60
CA PHE A 300 -1.67 -20.74 -20.34
C PHE A 300 -2.03 -20.25 -21.74
N THR A 301 -2.68 -21.09 -22.54
CA THR A 301 -3.05 -20.67 -23.90
C THR A 301 -4.11 -19.58 -23.90
N LYS A 302 -4.99 -19.57 -22.91
CA LYS A 302 -5.96 -18.48 -22.81
C LYS A 302 -5.27 -17.13 -22.50
N VAL A 303 -4.32 -17.16 -21.58
CA VAL A 303 -3.55 -15.94 -21.27
C VAL A 303 -2.80 -15.45 -22.51
N LEU A 304 -2.05 -16.37 -23.14
CA LEU A 304 -1.31 -16.03 -24.35
C LEU A 304 -2.20 -15.52 -25.47
N ALA A 305 -3.36 -16.14 -25.69
CA ALA A 305 -4.25 -15.69 -26.78
C ALA A 305 -4.81 -14.28 -26.53
N ALA A 306 -5.06 -13.95 -25.28
CA ALA A 306 -5.54 -12.60 -24.92
C ALA A 306 -4.47 -11.57 -25.21
N ILE A 307 -3.23 -11.90 -24.86
CA ILE A 307 -2.10 -11.01 -25.11
C ILE A 307 -1.93 -10.82 -26.62
N LYS A 308 -1.86 -11.95 -27.35
CA LYS A 308 -1.61 -11.91 -28.78
C LYS A 308 -2.68 -11.11 -29.52
N ALA A 309 -3.91 -11.22 -29.07
CA ALA A 309 -5.05 -10.56 -29.72
C ALA A 309 -5.00 -9.04 -29.64
N ASP A 310 -4.11 -8.50 -28.81
CA ASP A 310 -4.03 -7.04 -28.64
C ASP A 310 -2.70 -6.49 -29.12
N PRO A 311 -2.72 -5.63 -30.14
CA PRO A 311 -1.45 -5.19 -30.73
C PRO A 311 -0.59 -4.34 -29.80
N VAL A 312 -1.19 -3.83 -28.73
CA VAL A 312 -0.42 -3.01 -27.81
C VAL A 312 0.02 -3.83 -26.59
N ALA A 313 -0.90 -4.59 -26.02
CA ALA A 313 -0.57 -5.50 -24.91
C ALA A 313 0.50 -6.53 -25.31
N SER A 314 0.54 -6.88 -26.58
CA SER A 314 1.57 -7.83 -27.04
C SER A 314 2.96 -7.20 -27.10
N ARG A 315 3.03 -5.88 -26.96
CA ARG A 315 4.33 -5.17 -26.95
C ARG A 315 5.06 -5.29 -25.61
N ASN A 316 5.29 -6.54 -25.22
CA ASN A 316 5.97 -6.86 -23.98
C ASN A 316 7.03 -7.95 -24.16
N ALA A 317 8.21 -7.71 -23.62
CA ALA A 317 9.41 -8.44 -24.02
C ALA A 317 9.54 -9.85 -23.47
N TYR A 318 9.10 -10.07 -22.24
CA TYR A 318 9.17 -11.39 -21.63
C TYR A 318 8.11 -11.58 -20.55
N MSE A 319 7.95 -12.83 -20.13
CA MSE A 319 7.02 -13.16 -19.05
C MSE A 319 7.58 -14.36 -18.29
O MSE A 319 7.76 -15.44 -18.86
CB MSE A 319 5.65 -13.49 -19.63
CG MSE A 319 5.66 -14.64 -20.61
SE MSE A 319 4.00 -14.70 -21.63
CE MSE A 319 2.72 -15.04 -20.17
N GLU A 320 7.85 -14.16 -17.00
CA GLU A 320 8.52 -15.16 -16.19
C GLU A 320 7.54 -15.75 -15.16
N THR A 321 7.52 -17.08 -15.03
CA THR A 321 6.68 -17.71 -14.03
C THR A 321 7.54 -18.34 -12.92
N GLY A 322 6.89 -18.83 -11.88
CA GLY A 322 7.57 -19.12 -10.63
C GLY A 322 8.38 -20.40 -10.53
N GLU A 323 9.07 -20.55 -9.40
CA GLU A 323 9.98 -21.66 -9.19
C GLU A 323 9.26 -23.01 -9.00
N ASN A 324 9.84 -24.07 -9.55
CA ASN A 324 9.29 -25.42 -9.35
C ASN A 324 9.90 -26.09 -8.10
N ALA A 325 9.41 -25.74 -6.92
CA ALA A 325 10.03 -26.20 -5.68
C ALA A 325 9.71 -27.67 -5.40
N ASP A 326 8.43 -28.01 -5.37
CA ASP A 326 8.03 -29.39 -5.08
C ASP A 326 6.62 -29.67 -5.60
N ALA A 327 6.16 -30.91 -5.42
CA ALA A 327 4.86 -31.33 -5.94
C ALA A 327 3.74 -30.40 -5.50
N GLY A 328 3.81 -29.95 -4.25
CA GLY A 328 2.78 -29.06 -3.73
C GLY A 328 2.84 -27.68 -4.34
N GLN A 329 4.06 -27.16 -4.53
CA GLN A 329 4.22 -25.81 -5.04
C GLN A 329 5.16 -25.76 -6.25
N HIS A 330 4.59 -25.64 -7.43
CA HIS A 330 5.38 -25.46 -8.63
C HIS A 330 4.54 -24.78 -9.70
N PHE A 331 5.19 -24.10 -10.64
CA PHE A 331 4.46 -23.21 -11.53
C PHE A 331 4.50 -23.63 -13.00
N VAL A 332 5.51 -24.41 -13.36
CA VAL A 332 5.55 -25.08 -14.66
C VAL A 332 5.03 -26.52 -14.50
N PRO A 333 3.95 -26.87 -15.20
CA PRO A 333 3.40 -28.22 -15.11
C PRO A 333 4.41 -29.31 -15.46
N VAL A 334 4.30 -30.46 -14.82
CA VAL A 334 5.17 -31.59 -15.09
C VAL A 334 4.27 -32.80 -15.31
N PRO A 335 4.83 -33.94 -15.76
CA PRO A 335 3.93 -35.06 -16.05
C PRO A 335 3.09 -35.38 -14.81
N GLY A 336 1.81 -35.62 -15.00
CA GLY A 336 0.92 -35.84 -13.88
C GLY A 336 0.03 -34.65 -13.61
N ASP A 337 0.46 -33.45 -14.02
CA ASP A 337 -0.33 -32.25 -13.81
C ASP A 337 -1.37 -32.09 -14.90
N ALA A 338 -2.55 -31.65 -14.53
CA ALA A 338 -3.63 -31.49 -15.50
C ALA A 338 -3.29 -30.42 -16.57
N LEU A 339 -2.51 -29.42 -16.19
CA LEU A 339 -2.21 -28.32 -17.12
C LEU A 339 -0.98 -28.58 -18.01
N LEU A 340 -0.42 -29.78 -17.92
CA LEU A 340 0.77 -30.10 -18.70
C LEU A 340 0.57 -29.91 -20.20
N GLU A 341 -0.49 -30.51 -20.75
CA GLU A 341 -0.74 -30.39 -22.18
C GLU A 341 -0.91 -28.93 -22.62
N ASP A 342 -1.62 -28.14 -21.83
CA ASP A 342 -1.85 -26.77 -22.20
C ASP A 342 -0.54 -25.98 -22.20
N PHE A 343 0.31 -26.24 -21.21
CA PHE A 343 1.59 -25.55 -21.15
C PHE A 343 2.45 -25.92 -22.36
N GLN A 344 2.47 -27.20 -22.72
CA GLN A 344 3.17 -27.63 -23.92
C GLN A 344 2.67 -26.87 -25.15
N ALA A 345 1.36 -26.64 -25.22
CA ALA A 345 0.78 -25.91 -26.36
C ALA A 345 1.20 -24.44 -26.31
N TYR A 346 1.14 -23.87 -25.12
CA TYR A 346 1.68 -22.54 -24.89
C TYR A 346 3.11 -22.43 -25.39
N ALA A 347 3.94 -23.42 -25.04
CA ALA A 347 5.35 -23.43 -25.44
C ALA A 347 5.57 -23.61 -26.94
N ALA A 348 4.74 -24.42 -27.59
CA ALA A 348 4.85 -24.65 -29.03
C ALA A 348 4.35 -23.47 -29.86
N ASP A 349 3.55 -22.60 -29.25
CA ASP A 349 3.03 -21.44 -29.98
C ASP A 349 4.22 -20.65 -30.54
N PRO A 350 4.10 -20.15 -31.77
CA PRO A 350 5.21 -19.41 -32.37
C PRO A 350 5.49 -18.10 -31.65
N PHE A 351 4.50 -17.57 -30.96
CA PHE A 351 4.71 -16.27 -30.34
C PHE A 351 5.62 -16.35 -29.09
N THR A 352 5.65 -17.50 -28.42
CA THR A 352 6.52 -17.65 -27.24
C THR A 352 7.93 -18.07 -27.61
N LEU A 353 8.93 -17.37 -27.08
CA LEU A 353 10.32 -17.68 -27.43
C LEU A 353 11.03 -18.40 -26.31
N PHE A 354 11.75 -19.44 -26.67
CA PHE A 354 12.56 -20.20 -25.73
C PHE A 354 14.04 -20.03 -26.09
N ALA A 355 14.92 -20.64 -25.30
CA ALA A 355 16.37 -20.46 -25.43
C ALA A 355 16.91 -20.57 -26.85
N SER A 356 16.56 -21.64 -27.55
CA SER A 356 17.10 -21.83 -28.89
C SER A 356 16.56 -20.80 -29.89
N GLU A 357 15.56 -20.03 -29.49
CA GLU A 357 15.05 -18.99 -30.38
C GLU A 357 15.63 -17.60 -30.10
N VAL A 358 16.50 -17.50 -29.10
CA VAL A 358 17.11 -16.21 -28.79
C VAL A 358 18.34 -16.02 -29.66
N THR A 359 18.32 -15.00 -30.51
CA THR A 359 19.43 -14.75 -31.41
C THR A 359 19.66 -13.24 -31.56
N GLY A 360 20.93 -12.85 -31.68
CA GLY A 360 21.31 -11.45 -31.82
C GLY A 360 21.06 -10.60 -30.56
N ALA A 361 21.02 -11.23 -29.40
CA ALA A 361 20.73 -10.49 -28.17
C ALA A 361 21.92 -9.67 -27.69
N PHE A 362 23.13 -10.18 -27.92
CA PHE A 362 24.31 -9.59 -27.27
C PHE A 362 25.36 -9.00 -28.20
N ASP A 363 25.19 -9.18 -29.51
CA ASP A 363 26.25 -8.86 -30.44
C ASP A 363 25.92 -7.64 -31.29
N ARG A 364 24.91 -6.89 -30.86
CA ARG A 364 24.52 -5.69 -31.59
C ARG A 364 25.49 -4.54 -31.31
N THR A 365 25.57 -3.61 -32.25
CA THR A 365 26.35 -2.39 -32.06
C THR A 365 25.39 -1.26 -31.73
N VAL A 366 25.43 -0.81 -30.48
CA VAL A 366 24.51 0.23 -30.03
C VAL A 366 25.17 1.12 -28.98
N ALA A 367 25.07 2.42 -29.19
CA ALA A 367 25.68 3.39 -28.28
C ALA A 367 24.65 3.93 -27.28
N ALA A 368 25.16 4.28 -26.11
CA ALA A 368 24.34 4.87 -25.07
C ALA A 368 24.14 6.37 -25.29
N ALA A 369 22.88 6.80 -25.23
CA ALA A 369 22.61 8.23 -25.10
C ALA A 369 23.34 8.73 -23.86
N PRO A 370 23.78 9.99 -23.89
CA PRO A 370 24.46 10.55 -22.72
C PRO A 370 23.54 10.51 -21.51
N ALA A 371 24.09 10.25 -20.33
CA ALA A 371 23.29 10.17 -19.10
C ALA A 371 22.50 11.47 -18.87
N GLN A 372 21.28 11.36 -18.38
CA GLN A 372 20.51 12.57 -18.12
C GLN A 372 20.88 13.16 -16.76
N PRO A 373 21.18 14.47 -16.74
CA PRO A 373 21.45 15.11 -15.44
C PRO A 373 20.23 14.93 -14.52
N VAL A 374 20.46 14.64 -13.25
CA VAL A 374 19.37 14.43 -12.30
C VAL A 374 19.72 15.00 -10.92
N VAL A 375 18.73 15.55 -10.23
CA VAL A 375 18.93 15.95 -8.85
C VAL A 375 17.81 15.34 -8.00
N HIS A 376 18.20 14.76 -6.88
CA HIS A 376 17.20 14.30 -5.92
C HIS A 376 17.73 14.41 -4.49
N ILE A 377 16.79 14.58 -3.56
CA ILE A 377 17.13 14.69 -2.15
C ILE A 377 17.02 13.32 -1.49
N ALA A 378 18.17 12.71 -1.20
CA ALA A 378 18.19 11.36 -0.63
C ALA A 378 17.73 11.37 0.83
N SER A 379 17.98 12.48 1.51
CA SER A 379 17.46 12.66 2.85
C SER A 379 17.31 14.13 3.19
N PRO A 380 16.15 14.50 3.76
CA PRO A 380 15.05 13.59 4.06
C PRO A 380 14.23 13.27 2.81
N ALA A 381 13.85 12.01 2.65
CA ALA A 381 13.11 11.58 1.46
C ALA A 381 11.74 12.24 1.39
N ASP A 382 11.18 12.37 0.19
CA ASP A 382 9.87 12.98 0.01
C ASP A 382 8.84 12.22 0.83
N GLY A 383 8.05 12.95 1.61
CA GLY A 383 7.00 12.34 2.40
C GLY A 383 7.46 11.73 3.71
N ALA A 384 8.77 11.81 3.97
CA ALA A 384 9.32 11.23 5.20
C ALA A 384 9.06 12.15 6.41
N ARG A 385 9.37 11.65 7.61
CA ARG A 385 9.27 12.46 8.83
C ARG A 385 10.62 12.50 9.55
N VAL A 386 11.15 13.70 9.78
CA VAL A 386 12.45 13.85 10.42
C VAL A 386 12.33 13.76 11.95
N ALA A 387 13.16 12.91 12.55
CA ALA A 387 13.02 12.57 13.97
C ALA A 387 13.85 13.47 14.90
N SER A 388 15.11 13.66 14.57
CA SER A 388 16.01 14.39 15.45
C SER A 388 16.60 15.62 14.78
N ALA A 389 17.07 16.55 15.61
CA ALA A 389 17.80 17.71 15.13
C ALA A 389 19.15 17.75 15.81
N PRO A 390 20.21 18.06 15.05
CA PRO A 390 20.08 18.29 13.61
C PRO A 390 19.91 16.97 12.86
N THR A 391 19.38 17.06 11.66
CA THR A 391 19.37 15.91 10.77
C THR A 391 20.22 16.30 9.56
N THR A 392 20.68 15.32 8.80
CA THR A 392 21.56 15.62 7.68
C THR A 392 20.78 15.63 6.38
N VAL A 393 20.85 16.75 5.65
CA VAL A 393 20.29 16.81 4.31
C VAL A 393 21.32 16.27 3.33
N ARG A 394 20.89 15.33 2.49
CA ARG A 394 21.78 14.77 1.48
C ARG A 394 21.15 14.96 0.12
N VAL A 395 21.88 15.60 -0.78
CA VAL A 395 21.43 15.74 -2.16
C VAL A 395 22.39 15.06 -3.11
N ARG A 396 21.83 14.26 -4.02
CA ARG A 396 22.58 13.63 -5.09
C ARG A 396 22.34 14.41 -6.39
N VAL A 397 23.42 14.89 -7.00
CA VAL A 397 23.33 15.45 -8.34
C VAL A 397 24.18 14.58 -9.25
N GLY A 398 23.54 13.93 -10.21
CA GLY A 398 24.26 13.04 -11.12
C GLY A 398 24.24 13.48 -12.58
N GLY A 399 25.20 12.98 -13.33
CA GLY A 399 25.21 13.17 -14.76
C GLY A 399 25.69 14.53 -15.24
N THR A 400 26.23 15.35 -14.34
CA THR A 400 26.81 16.62 -14.77
C THR A 400 27.83 17.07 -13.74
N ASP A 401 28.71 18.01 -14.10
CA ASP A 401 29.61 18.64 -13.13
C ASP A 401 28.84 19.66 -12.30
N VAL A 402 29.14 19.74 -11.00
CA VAL A 402 28.36 20.57 -10.10
C VAL A 402 29.24 21.56 -9.39
N GLN A 403 28.85 22.84 -9.38
CA GLN A 403 29.65 23.85 -8.69
C GLN A 403 29.14 24.12 -7.30
N SER A 404 27.83 24.06 -7.10
CA SER A 404 27.28 24.37 -5.79
C SER A 404 25.86 23.86 -5.70
N VAL A 405 25.39 23.70 -4.46
CA VAL A 405 24.03 23.26 -4.20
C VAL A 405 23.59 24.00 -2.95
N THR A 406 22.43 24.63 -3.05
CA THR A 406 21.84 25.30 -1.90
C THR A 406 20.48 24.67 -1.65
N VAL A 407 20.05 24.73 -0.40
CA VAL A 407 18.76 24.15 -0.06
C VAL A 407 17.96 25.25 0.63
N GLU A 408 16.70 25.36 0.25
CA GLU A 408 15.83 26.34 0.84
C GLU A 408 14.71 25.59 1.55
N VAL A 409 14.55 25.85 2.84
CA VAL A 409 13.51 25.19 3.61
C VAL A 409 12.40 26.18 3.85
N ALA A 410 11.17 25.77 3.55
CA ALA A 410 10.04 26.68 3.67
C ALA A 410 8.87 26.01 4.36
N GLN A 411 8.01 26.83 4.96
CA GLN A 411 6.85 26.31 5.66
C GLN A 411 5.68 27.25 5.41
N GLY A 412 4.52 26.67 5.12
CA GLY A 412 3.40 27.45 4.62
C GLY A 412 3.79 27.94 3.24
N GLY A 413 4.48 29.07 3.19
CA GLY A 413 5.00 29.60 1.95
C GLY A 413 6.20 30.47 2.25
N THR A 414 6.62 30.46 3.51
CA THR A 414 7.69 31.33 3.96
C THR A 414 9.00 30.57 4.14
N VAL A 415 10.08 31.12 3.60
CA VAL A 415 11.39 30.52 3.77
C VAL A 415 11.80 30.63 5.22
N VAL A 416 12.15 29.49 5.80
CA VAL A 416 12.53 29.40 7.19
C VAL A 416 14.05 29.17 7.33
N ASP A 417 14.64 28.51 6.34
CA ASP A 417 16.06 28.20 6.41
C ASP A 417 16.68 28.18 5.02
N THR A 418 17.93 28.61 4.94
CA THR A 418 18.71 28.50 3.70
C THR A 418 20.06 27.82 4.00
N LEU A 419 20.35 26.73 3.30
CA LEU A 419 21.57 25.95 3.55
C LEU A 419 22.49 25.91 2.34
N ASP A 420 23.78 26.13 2.58
CA ASP A 420 24.78 25.96 1.54
C ASP A 420 25.44 24.58 1.73
N LEU A 421 25.22 23.66 0.80
CA LEU A 421 25.68 22.29 0.99
C LEU A 421 27.11 22.10 0.55
N ALA A 422 27.75 21.08 1.09
CA ALA A 422 29.15 20.81 0.82
C ALA A 422 29.33 19.39 0.31
N TYR A 423 30.11 19.23 -0.76
CA TYR A 423 30.29 17.91 -1.34
C TYR A 423 31.11 17.01 -0.40
N ASP A 424 30.61 15.80 -0.17
CA ASP A 424 31.22 14.89 0.79
C ASP A 424 32.41 14.08 0.25
N GLY A 425 32.73 14.25 -1.03
CA GLY A 425 33.88 13.57 -1.61
C GLY A 425 33.55 12.21 -2.21
N ALA A 426 32.30 11.77 -2.10
CA ALA A 426 31.97 10.44 -2.57
C ALA A 426 30.66 10.31 -3.36
N LEU A 427 29.61 10.98 -2.90
CA LEU A 427 28.28 10.75 -3.45
C LEU A 427 27.30 11.93 -3.29
N TRP A 428 27.31 12.56 -2.12
CA TRP A 428 26.30 13.58 -1.80
C TRP A 428 26.87 14.94 -1.42
N TRP A 429 26.07 15.97 -1.71
CA TRP A 429 26.24 17.30 -1.17
C TRP A 429 25.39 17.33 0.10
N THR A 430 25.95 17.79 1.21
CA THR A 430 25.25 17.68 2.50
C THR A 430 25.34 18.94 3.33
N ALA A 431 24.43 19.05 4.30
CA ALA A 431 24.45 20.10 5.31
C ALA A 431 23.58 19.64 6.46
N PRO A 432 23.89 20.13 7.68
CA PRO A 432 23.03 19.80 8.82
C PRO A 432 21.75 20.64 8.73
N TRP A 433 20.62 20.12 9.21
CA TRP A 433 19.38 20.89 9.25
C TRP A 433 18.68 20.71 10.61
N SER A 434 18.42 21.82 11.30
CA SER A 434 17.73 21.78 12.59
C SER A 434 16.35 22.42 12.45
N PRO A 435 15.35 21.64 12.06
CA PRO A 435 14.01 22.17 11.78
C PRO A 435 13.55 23.19 12.84
N THR A 444 9.84 23.96 8.00
CA THR A 444 10.23 22.57 8.20
C THR A 444 9.28 21.63 7.45
N TYR A 445 9.14 21.82 6.14
CA TYR A 445 8.03 21.18 5.42
C TYR A 445 8.28 20.99 3.93
N THR A 446 8.62 22.05 3.19
CA THR A 446 9.12 21.88 1.83
C THR A 446 10.62 22.14 1.76
N VAL A 447 11.33 21.20 1.17
CA VAL A 447 12.79 21.24 1.11
C VAL A 447 13.21 21.25 -0.36
N THR A 448 13.72 22.38 -0.84
CA THR A 448 14.02 22.55 -2.25
C THR A 448 15.52 22.67 -2.49
N ALA A 449 16.07 21.71 -3.23
CA ALA A 449 17.49 21.71 -3.59
C ALA A 449 17.68 22.38 -4.94
N THR A 450 18.64 23.30 -5.00
CA THR A 450 18.97 23.95 -6.25
C THR A 450 20.44 23.78 -6.55
N ALA A 451 20.72 23.02 -7.60
CA ALA A 451 22.10 22.76 -8.00
C ALA A 451 22.53 23.62 -9.18
N THR A 452 23.67 24.27 -9.05
CA THR A 452 24.27 25.03 -10.14
C THR A 452 25.29 24.14 -10.85
N THR A 453 24.99 23.79 -12.10
CA THR A 453 25.76 22.77 -12.81
C THR A 453 26.10 23.11 -14.25
N ALA A 454 26.95 22.27 -14.85
CA ALA A 454 27.35 22.40 -16.24
C ALA A 454 26.17 22.15 -17.20
N ALA A 455 25.11 21.55 -16.68
CA ALA A 455 23.90 21.31 -17.47
C ALA A 455 22.82 22.35 -17.17
N GLY A 456 23.21 23.39 -16.44
CA GLY A 456 22.27 24.44 -16.06
C GLY A 456 21.92 24.36 -14.59
N THR A 457 20.80 24.96 -14.20
CA THR A 457 20.38 24.94 -12.82
C THR A 457 19.29 23.90 -12.67
N LEU A 458 19.53 22.89 -11.81
CA LEU A 458 18.57 21.82 -11.62
C LEU A 458 17.96 21.96 -10.23
N ASP A 459 16.66 21.70 -10.12
CA ASP A 459 16.06 21.70 -8.78
C ASP A 459 15.06 20.59 -8.57
N VAL A 460 14.70 20.41 -7.30
CA VAL A 460 13.79 19.36 -6.89
C VAL A 460 13.27 19.77 -5.52
N THR A 461 12.02 19.42 -5.22
CA THR A 461 11.39 19.73 -3.95
C THR A 461 10.86 18.47 -3.27
N ASN A 462 11.26 18.26 -2.02
CA ASN A 462 10.68 17.22 -1.19
C ASN A 462 9.77 17.83 -0.14
N GLU A 463 8.65 17.19 0.13
CA GLU A 463 7.73 17.65 1.17
C GLU A 463 7.83 16.71 2.37
N VAL A 464 8.22 17.24 3.52
CA VAL A 464 8.46 16.38 4.68
C VAL A 464 7.80 16.91 5.95
N ALA A 465 7.72 16.07 6.97
CA ALA A 465 7.15 16.50 8.24
C ALA A 465 8.23 16.49 9.31
N ALA A 466 8.12 17.40 10.28
CA ALA A 466 9.01 17.35 11.44
C ALA A 466 8.24 16.94 12.68
N ALA A 467 8.85 16.07 13.48
CA ALA A 467 8.22 15.59 14.70
C ALA A 467 8.04 16.71 15.72
N ASP B 3 -40.83 -3.08 7.34
CA ASP B 3 -40.29 -4.14 8.17
C ASP B 3 -38.84 -4.42 7.83
N GLU B 4 -38.02 -3.38 7.81
CA GLU B 4 -36.62 -3.49 7.41
C GLU B 4 -35.74 -4.02 8.54
N THR B 5 -34.88 -4.98 8.21
CA THR B 5 -33.86 -5.47 9.13
C THR B 5 -32.50 -5.33 8.47
N ILE B 6 -31.53 -4.75 9.18
CA ILE B 6 -30.23 -4.46 8.57
C ILE B 6 -29.06 -5.05 9.35
N ALA B 7 -27.98 -5.34 8.62
CA ALA B 7 -26.73 -5.75 9.25
C ALA B 7 -26.10 -4.52 9.88
N ILE B 8 -25.95 -4.53 11.19
CA ILE B 8 -25.33 -3.39 11.88
C ILE B 8 -24.36 -3.89 12.95
N VAL B 9 -23.19 -3.26 13.05
CA VAL B 9 -22.13 -3.76 13.93
C VAL B 9 -22.58 -3.92 15.38
N ASP B 10 -23.29 -2.91 15.86
CA ASP B 10 -23.86 -2.93 17.20
C ASP B 10 -25.33 -3.30 17.11
N ALA B 11 -25.62 -4.57 17.34
CA ALA B 11 -27.00 -5.06 17.27
C ALA B 11 -27.89 -4.41 18.33
N ASP B 12 -27.28 -3.77 19.33
CA ASP B 12 -28.04 -3.10 20.36
C ASP B 12 -28.10 -1.59 20.21
N ALA B 13 -27.80 -1.10 19.00
CA ALA B 13 -27.80 0.33 18.73
C ALA B 13 -29.19 0.94 18.94
N THR B 14 -29.23 2.23 19.28
CA THR B 14 -30.51 2.91 19.49
C THR B 14 -31.29 2.95 18.18
N ALA B 15 -32.60 3.16 18.30
CA ALA B 15 -33.46 3.23 17.13
C ALA B 15 -32.96 4.27 16.13
N GLU B 16 -32.55 5.44 16.63
CA GLU B 16 -32.09 6.51 15.73
C GLU B 16 -30.83 6.09 14.98
N THR B 17 -29.98 5.33 15.65
CA THR B 17 -28.71 4.93 15.09
C THR B 17 -28.96 3.91 13.97
N ARG B 18 -29.84 2.95 14.26
CA ARG B 18 -30.24 2.00 13.23
C ARG B 18 -30.91 2.74 12.08
N SER B 19 -31.71 3.75 12.41
CA SER B 19 -32.36 4.55 11.37
C SER B 19 -31.32 5.21 10.46
N LEU B 20 -30.30 5.79 11.06
CA LEU B 20 -29.28 6.49 10.27
C LEU B 20 -28.62 5.54 9.27
N LEU B 21 -28.30 4.33 9.70
CA LEU B 21 -27.56 3.42 8.82
C LEU B 21 -28.45 3.01 7.64
N SER B 22 -29.73 2.77 7.94
CA SER B 22 -30.74 2.58 6.90
C SER B 22 -30.80 3.77 5.96
N TYR B 23 -30.85 4.97 6.52
CA TYR B 23 -30.94 6.17 5.68
C TYR B 23 -29.74 6.32 4.76
N LEU B 24 -28.55 6.09 5.31
CA LEU B 24 -27.32 6.22 4.54
C LEU B 24 -27.24 5.21 3.39
N ASP B 25 -27.83 4.03 3.59
CA ASP B 25 -27.86 3.05 2.49
C ASP B 25 -28.87 3.51 1.46
N GLY B 26 -30.01 3.99 1.94
CA GLY B 26 -31.10 4.37 1.06
C GLY B 26 -30.77 5.52 0.15
N VAL B 27 -29.91 6.42 0.60
CA VAL B 27 -29.61 7.62 -0.17
C VAL B 27 -28.65 7.32 -1.34
N ARG B 28 -27.96 6.19 -1.28
CA ARG B 28 -26.94 5.87 -2.28
C ARG B 28 -27.53 5.82 -3.69
N GLY B 29 -26.95 6.59 -4.59
CA GLY B 29 -27.42 6.63 -5.97
C GLY B 29 -28.52 7.66 -6.21
N GLU B 30 -29.08 8.19 -5.12
CA GLU B 30 -30.10 9.24 -5.21
C GLU B 30 -29.49 10.63 -4.99
N GLY B 31 -28.61 10.72 -4.00
CA GLY B 31 -27.90 11.96 -3.75
C GLY B 31 -26.74 11.67 -2.81
N ILE B 32 -25.73 12.54 -2.83
CA ILE B 32 -24.55 12.32 -2.00
C ILE B 32 -24.43 13.48 -1.02
N LEU B 33 -24.40 13.17 0.28
CA LEU B 33 -24.34 14.22 1.29
C LEU B 33 -22.97 14.88 1.23
N PHE B 34 -22.94 16.20 1.17
CA PHE B 34 -21.67 16.91 1.24
C PHE B 34 -21.27 17.11 2.70
N GLY B 35 -20.02 16.77 3.00
CA GLY B 35 -19.48 16.87 4.34
C GLY B 35 -18.32 17.85 4.45
N HIS B 36 -18.19 18.47 5.61
CA HIS B 36 -17.08 19.40 5.85
C HIS B 36 -16.53 19.21 7.25
N HIS B 37 -15.20 19.12 7.35
CA HIS B 37 -14.54 18.94 8.64
C HIS B 37 -14.46 20.24 9.46
N GLY B 38 -14.79 20.15 10.74
CA GLY B 38 -14.75 21.29 11.64
C GLY B 38 -15.50 22.46 11.05
N THR B 39 -16.69 22.21 10.53
CA THR B 39 -17.33 23.20 9.68
C THR B 39 -17.82 24.42 10.47
N THR B 40 -18.24 24.21 11.71
CA THR B 40 -18.70 25.34 12.55
C THR B 40 -17.63 25.76 13.57
N SER B 41 -16.45 25.15 13.49
CA SER B 41 -15.38 25.41 14.44
C SER B 41 -14.21 26.17 13.83
N SER B 42 -13.97 25.96 12.53
CA SER B 42 -12.92 26.70 11.82
C SER B 42 -13.50 27.34 10.55
N GLY B 43 -13.27 28.62 10.38
CA GLY B 43 -13.83 29.35 9.23
C GLY B 43 -13.01 30.57 8.89
N LEU B 44 -12.98 30.91 7.60
CA LEU B 44 -12.26 32.09 7.13
C LEU B 44 -13.22 33.26 6.92
N THR B 45 -14.52 32.98 6.94
CA THR B 45 -15.53 34.02 6.70
C THR B 45 -16.42 34.21 7.92
N THR B 46 -16.16 33.42 8.97
CA THR B 46 -17.06 33.37 10.11
C THR B 46 -16.67 34.33 11.22
N GLY B 47 -15.39 34.69 11.28
CA GLY B 47 -14.87 35.36 12.45
C GLY B 47 -14.77 34.32 13.56
N PRO B 48 -14.76 34.77 14.82
CA PRO B 48 -14.70 33.86 15.96
C PRO B 48 -15.86 32.86 15.93
N THR B 49 -15.58 31.58 16.11
CA THR B 49 -16.60 30.56 15.94
C THR B 49 -17.31 30.15 17.23
N ASP B 50 -18.51 29.62 17.12
CA ASP B 50 -19.29 29.20 18.29
C ASP B 50 -20.16 27.97 18.00
N GLY B 51 -19.87 27.30 16.88
CA GLY B 51 -20.59 26.10 16.50
C GLY B 51 -21.89 26.35 15.74
N THR B 52 -22.15 27.60 15.34
CA THR B 52 -23.42 27.93 14.70
C THR B 52 -23.26 28.59 13.32
N THR B 53 -22.04 28.90 12.93
CA THR B 53 -21.81 29.49 11.62
C THR B 53 -20.76 28.70 10.88
N SER B 54 -20.71 28.84 9.56
CA SER B 54 -19.84 28.01 8.73
C SER B 54 -19.48 28.69 7.42
N ASP B 55 -18.26 28.48 6.96
CA ASP B 55 -17.89 28.93 5.62
C ASP B 55 -18.83 28.33 4.57
N VAL B 56 -19.25 27.08 4.78
CA VAL B 56 -20.13 26.42 3.81
C VAL B 56 -21.47 27.15 3.74
N LYS B 57 -22.01 27.50 4.90
CA LYS B 57 -23.26 28.23 4.97
C LYS B 57 -23.14 29.57 4.26
N ASN B 58 -22.07 30.32 4.57
CA ASN B 58 -21.87 31.63 4.00
C ASN B 58 -21.63 31.62 2.48
N VAL B 59 -20.95 30.60 1.97
CA VAL B 59 -20.70 30.57 0.52
C VAL B 59 -21.79 29.89 -0.30
N THR B 60 -22.50 28.92 0.28
CA THR B 60 -23.51 28.18 -0.50
C THR B 60 -24.96 28.48 -0.10
N GLY B 61 -25.16 29.09 1.06
CA GLY B 61 -26.51 29.31 1.56
C GLY B 61 -27.05 28.19 2.46
N ASP B 62 -26.31 27.10 2.63
CA ASP B 62 -26.73 26.02 3.51
C ASP B 62 -25.53 25.37 4.21
N PHE B 63 -25.79 24.74 5.35
CA PHE B 63 -24.77 24.00 6.07
C PHE B 63 -24.54 22.66 5.36
N PRO B 64 -23.38 22.04 5.57
CA PRO B 64 -23.16 20.73 4.93
C PRO B 64 -24.13 19.71 5.53
N ALA B 65 -24.38 18.62 4.81
CA ALA B 65 -25.24 17.57 5.34
C ALA B 65 -24.47 16.72 6.36
N VAL B 66 -23.15 16.66 6.19
CA VAL B 66 -22.29 15.93 7.13
C VAL B 66 -21.33 16.90 7.81
N PHE B 67 -21.32 16.86 9.15
CA PHE B 67 -20.39 17.64 9.98
C PHE B 67 -19.28 16.72 10.44
N GLY B 68 -18.06 16.95 9.98
CA GLY B 68 -16.93 16.13 10.39
C GLY B 68 -16.17 16.71 11.57
N TRP B 69 -15.66 15.84 12.45
CA TRP B 69 -14.90 16.26 13.63
C TRP B 69 -13.75 15.28 13.93
N SER B 70 -12.72 15.75 14.61
CA SER B 70 -11.61 14.88 15.04
C SER B 70 -11.57 14.71 16.56
N THR B 71 -11.20 13.53 17.02
CA THR B 71 -11.10 13.26 18.44
C THR B 71 -10.02 14.15 19.12
N SER B 72 -9.16 14.74 18.31
CA SER B 72 -8.15 15.68 18.76
C SER B 72 -8.75 16.78 19.61
N ILE B 73 -10.00 17.13 19.30
CA ILE B 73 -10.71 18.18 20.03
C ILE B 73 -10.61 17.95 21.53
N ILE B 74 -10.69 16.69 21.93
CA ILE B 74 -10.64 16.31 23.33
C ILE B 74 -9.30 16.70 23.97
N GLU B 75 -8.23 16.65 23.18
CA GLU B 75 -6.90 17.00 23.68
C GLU B 75 -6.55 18.47 23.49
N GLY B 76 -7.55 19.29 23.16
CA GLY B 76 -7.33 20.71 22.97
C GLY B 76 -6.44 21.02 21.78
N ASN B 77 -6.28 20.06 20.88
CA ASN B 77 -5.44 20.25 19.70
C ASN B 77 -6.23 20.74 18.49
N GLN B 78 -7.52 20.97 18.67
CA GLN B 78 -8.39 21.38 17.57
C GLN B 78 -9.64 22.01 18.15
N ARG B 79 -10.05 23.15 17.60
CA ARG B 79 -11.27 23.82 18.04
C ARG B 79 -12.46 22.89 17.76
N PRO B 80 -13.52 23.00 18.59
CA PRO B 80 -13.68 23.99 19.65
C PRO B 80 -12.87 23.66 20.89
N GLY B 81 -12.01 22.65 20.79
CA GLY B 81 -11.16 22.29 21.89
C GLY B 81 -10.07 23.31 22.11
N LEU B 82 -9.77 23.58 23.38
CA LEU B 82 -8.72 24.54 23.72
C LEU B 82 -7.64 23.90 24.60
N ALA B 83 -6.39 24.25 24.33
CA ALA B 83 -5.28 23.77 25.13
C ALA B 83 -5.48 24.09 26.61
N GLU B 84 -5.86 25.33 26.89
CA GLU B 84 -6.03 25.77 28.28
C GLU B 84 -7.12 24.99 29.01
N ASN B 85 -7.94 24.27 28.25
CA ASN B 85 -9.07 23.53 28.82
C ASN B 85 -8.69 22.13 29.30
N THR B 86 -9.45 21.61 30.26
CA THR B 86 -9.33 20.21 30.66
C THR B 86 -10.01 19.31 29.63
N ARG B 87 -9.71 18.02 29.66
CA ARG B 87 -10.32 17.08 28.72
C ARG B 87 -11.84 17.02 28.88
N ASP B 88 -12.31 16.90 30.11
CA ASP B 88 -13.75 16.85 30.36
C ASP B 88 -14.49 18.06 29.77
N GLU B 89 -13.85 19.23 29.78
CA GLU B 89 -14.52 20.42 29.26
C GLU B 89 -14.44 20.53 27.74
N ASN B 90 -13.35 20.06 27.16
CA ASN B 90 -13.25 19.94 25.71
C ASN B 90 -14.28 18.94 25.18
N ILE B 91 -14.65 17.97 26.02
CA ILE B 91 -15.65 16.98 25.68
C ILE B 91 -17.05 17.58 25.69
N ALA B 92 -17.32 18.45 26.64
CA ALA B 92 -18.60 19.13 26.71
C ALA B 92 -18.76 20.11 25.55
N LEU B 93 -17.65 20.75 25.18
CA LEU B 93 -17.64 21.63 24.02
C LEU B 93 -17.96 20.78 22.79
N PHE B 94 -17.29 19.64 22.70
CA PHE B 94 -17.44 18.71 21.58
C PHE B 94 -18.90 18.30 21.44
N ALA B 95 -19.49 17.81 22.54
CA ALA B 95 -20.87 17.36 22.52
C ALA B 95 -21.81 18.50 22.17
N ASP B 96 -21.43 19.72 22.56
CA ASP B 96 -22.25 20.88 22.28
C ASP B 96 -22.34 21.13 20.78
N TYR B 97 -21.20 21.10 20.10
CA TYR B 97 -21.16 21.32 18.65
C TYR B 97 -21.87 20.21 17.88
N ILE B 98 -21.82 19.01 18.42
CA ILE B 98 -22.51 17.86 17.81
C ILE B 98 -24.02 18.04 17.94
N ARG B 99 -24.45 18.54 19.10
CA ARG B 99 -25.86 18.83 19.34
C ARG B 99 -26.34 19.92 18.39
N LYS B 100 -25.52 20.95 18.24
CA LYS B 100 -25.85 22.07 17.36
C LYS B 100 -25.91 21.62 15.91
N ALA B 101 -24.98 20.77 15.52
CA ALA B 101 -24.98 20.24 14.17
C ALA B 101 -26.24 19.42 13.91
N ASP B 102 -26.63 18.62 14.90
CA ASP B 102 -27.82 17.79 14.79
C ASP B 102 -29.09 18.65 14.73
N ALA B 103 -29.10 19.74 15.48
CA ALA B 103 -30.28 20.60 15.50
C ALA B 103 -30.40 21.34 14.17
N ILE B 104 -29.27 21.69 13.60
CA ILE B 104 -29.23 22.28 12.26
C ILE B 104 -29.76 21.28 11.23
N GLY B 105 -29.60 19.99 11.52
CA GLY B 105 -30.09 18.95 10.63
C GLY B 105 -29.00 18.12 9.98
N GLY B 106 -27.76 18.25 10.45
CA GLY B 106 -26.66 17.51 9.86
C GLY B 106 -26.47 16.11 10.43
N VAL B 107 -25.60 15.34 9.79
CA VAL B 107 -25.17 14.03 10.29
C VAL B 107 -23.73 14.18 10.77
N ASN B 108 -23.44 13.74 12.00
CA ASN B 108 -22.11 13.88 12.57
C ASN B 108 -21.22 12.69 12.31
N THR B 109 -19.98 12.96 11.91
CA THR B 109 -18.98 11.91 11.84
C THR B 109 -17.77 12.34 12.65
N VAL B 110 -17.22 11.40 13.41
CA VAL B 110 -16.06 11.68 14.27
C VAL B 110 -14.97 10.67 13.95
N GLY B 111 -13.77 11.18 13.67
CA GLY B 111 -12.65 10.33 13.31
C GLY B 111 -11.50 10.48 14.29
N ALA B 112 -10.83 9.36 14.57
CA ALA B 112 -9.59 9.37 15.35
C ALA B 112 -8.43 9.16 14.39
N GLY B 113 -7.59 10.18 14.23
CA GLY B 113 -6.43 10.05 13.37
C GLY B 113 -5.35 9.21 14.05
N VAL B 114 -4.23 9.00 13.35
CA VAL B 114 -3.15 8.21 13.94
C VAL B 114 -1.97 9.06 14.44
N GLU B 115 -2.21 10.36 14.64
CA GLU B 115 -1.14 11.25 15.11
C GLU B 115 -0.53 10.79 16.44
N ASN B 116 -1.32 10.14 17.29
CA ASN B 116 -0.83 9.69 18.58
C ASN B 116 0.15 8.53 18.48
N PHE B 117 0.21 7.90 17.30
CA PHE B 117 1.11 6.77 17.12
C PHE B 117 2.54 7.20 16.73
N VAL B 118 2.75 8.50 16.54
CA VAL B 118 4.06 8.97 16.08
C VAL B 118 4.70 10.01 17.01
N GLY B 121 2.34 11.51 20.50
CA GLY B 121 1.16 11.25 21.31
C GLY B 121 1.49 10.48 22.58
N SER B 122 2.37 9.50 22.43
CA SER B 122 2.94 8.69 23.52
C SER B 122 2.18 8.63 24.85
N PHE B 123 0.93 8.16 24.85
CA PHE B 123 0.13 7.94 23.64
C PHE B 123 -1.14 8.76 23.88
N TYR B 124 -1.54 8.82 25.14
CA TYR B 124 -2.67 9.63 25.56
C TYR B 124 -2.35 10.32 26.88
N GLY B 128 4.02 -3.20 14.68
CA GLY B 128 5.17 -2.95 15.52
C GLY B 128 5.20 -1.53 16.08
N ASP B 129 6.17 -1.28 16.94
CA ASP B 129 6.35 0.03 17.57
C ASP B 129 5.13 0.51 18.38
N THR B 130 4.64 1.72 18.11
CA THR B 130 3.53 2.26 18.92
C THR B 130 2.25 1.42 18.76
N LEU B 131 1.96 0.99 17.54
CA LEU B 131 0.83 0.08 17.30
C LEU B 131 0.93 -1.14 18.23
N ARG B 132 2.06 -1.83 18.18
CA ARG B 132 2.35 -2.96 19.06
C ARG B 132 2.15 -2.62 20.53
N ALA B 133 2.66 -1.46 20.93
CA ALA B 133 2.67 -1.07 22.33
C ALA B 133 1.28 -0.82 22.92
N VAL B 134 0.32 -0.42 22.10
CA VAL B 134 -1.02 -0.16 22.62
C VAL B 134 -2.01 -1.32 22.46
N LEU B 135 -1.61 -2.36 21.72
CA LEU B 135 -2.46 -3.56 21.59
C LEU B 135 -2.62 -4.23 22.94
N PRO B 136 -3.66 -5.08 23.07
CA PRO B 136 -3.79 -5.86 24.31
C PRO B 136 -2.46 -6.57 24.61
N GLY B 137 -2.00 -6.48 25.85
CA GLY B 137 -0.75 -7.11 26.21
C GLY B 137 0.45 -6.21 26.07
N GLY B 138 0.24 -5.05 25.44
CA GLY B 138 1.32 -4.11 25.17
C GLY B 138 1.62 -3.23 26.36
N SER B 139 2.85 -2.72 26.42
CA SER B 139 3.26 -1.94 27.60
C SER B 139 2.37 -0.72 27.79
N HIS B 140 1.87 -0.16 26.69
CA HIS B 140 1.08 1.07 26.73
C HIS B 140 -0.41 0.87 26.49
N HIS B 141 -0.90 -0.34 26.67
CA HIS B 141 -2.32 -0.62 26.41
C HIS B 141 -3.25 0.24 27.27
N ALA B 142 -2.91 0.47 28.53
CA ALA B 142 -3.78 1.28 29.39
C ALA B 142 -4.05 2.69 28.84
N GLU B 143 -3.09 3.24 28.10
CA GLU B 143 -3.29 4.55 27.48
C GLU B 143 -4.34 4.54 26.35
N LEU B 144 -4.34 3.47 25.57
CA LEU B 144 -5.36 3.31 24.55
C LEU B 144 -6.71 3.19 25.25
N VAL B 145 -6.76 2.40 26.32
CA VAL B 145 -7.99 2.22 27.07
C VAL B 145 -8.52 3.56 27.61
N ALA B 146 -7.63 4.37 28.17
CA ALA B 146 -8.00 5.69 28.66
C ALA B 146 -8.51 6.59 27.53
N TYR B 147 -7.86 6.49 26.38
CA TYR B 147 -8.29 7.23 25.20
C TYR B 147 -9.72 6.85 24.82
N LEU B 148 -10.00 5.55 24.82
CA LEU B 148 -11.33 5.06 24.46
C LEU B 148 -12.41 5.42 25.48
N ASP B 149 -12.04 5.46 26.76
CA ASP B 149 -12.98 5.88 27.78
C ASP B 149 -13.50 7.28 27.50
N ASP B 150 -12.61 8.17 27.10
CA ASP B 150 -13.00 9.54 26.77
C ASP B 150 -13.94 9.56 25.57
N ILE B 151 -13.66 8.72 24.58
CA ILE B 151 -14.56 8.60 23.42
C ILE B 151 -15.94 8.13 23.86
N ALA B 152 -15.99 7.17 24.79
CA ALA B 152 -17.27 6.67 25.29
C ALA B 152 -18.02 7.77 26.05
N GLU B 153 -17.27 8.62 26.75
CA GLU B 153 -17.88 9.76 27.44
C GLU B 153 -18.48 10.69 26.41
N LEU B 154 -17.71 11.00 25.37
CA LEU B 154 -18.23 11.88 24.31
C LEU B 154 -19.52 11.33 23.73
N ALA B 155 -19.55 10.03 23.45
CA ALA B 155 -20.72 9.43 22.83
C ALA B 155 -21.93 9.61 23.74
N ASP B 156 -21.74 9.38 25.03
CA ASP B 156 -22.85 9.46 25.97
C ASP B 156 -23.33 10.90 26.20
N ALA B 157 -22.43 11.86 26.05
CA ALA B 157 -22.80 13.26 26.23
C ALA B 157 -23.51 13.82 24.99
N SER B 158 -23.36 13.13 23.86
CA SER B 158 -23.98 13.59 22.62
C SER B 158 -25.46 13.23 22.57
N ARG B 159 -26.26 14.07 23.23
CA ARG B 159 -27.69 13.84 23.37
C ARG B 159 -28.46 15.10 23.00
N ARG B 160 -29.68 14.92 22.51
CA ARG B 160 -30.56 16.05 22.25
C ARG B 160 -31.10 16.54 23.59
N ASP B 161 -31.73 17.71 23.58
CA ASP B 161 -32.28 18.25 24.82
C ASP B 161 -33.22 17.26 25.50
N ASP B 162 -33.98 16.52 24.69
CA ASP B 162 -34.91 15.52 25.22
C ASP B 162 -34.23 14.21 25.64
N GLY B 163 -32.90 14.23 25.77
CA GLY B 163 -32.15 13.07 26.23
C GLY B 163 -31.72 12.06 25.16
N THR B 164 -32.31 12.15 23.97
CA THR B 164 -32.05 11.18 22.90
C THR B 164 -30.59 11.20 22.42
N LEU B 165 -29.97 10.02 22.39
CA LEU B 165 -28.60 9.92 21.89
C LEU B 165 -28.55 10.28 20.41
N ILE B 166 -27.59 11.12 20.06
CA ILE B 166 -27.35 11.50 18.66
C ILE B 166 -26.41 10.49 18.00
N PRO B 167 -26.86 9.82 16.92
CA PRO B 167 -25.98 8.86 16.25
C PRO B 167 -24.74 9.52 15.69
N ILE B 168 -23.61 8.83 15.76
CA ILE B 168 -22.35 9.33 15.25
C ILE B 168 -21.68 8.27 14.38
N VAL B 169 -21.19 8.66 13.21
CA VAL B 169 -20.41 7.75 12.39
C VAL B 169 -18.98 7.86 12.89
N PHE B 170 -18.56 6.88 13.68
CA PHE B 170 -17.25 6.88 14.31
C PHE B 170 -16.26 6.13 13.44
N ARG B 171 -15.14 6.78 13.13
CA ARG B 171 -14.13 6.22 12.26
C ARG B 171 -12.80 6.10 13.00
N PRO B 172 -12.54 4.93 13.58
CA PRO B 172 -11.33 4.75 14.40
C PRO B 172 -10.04 4.50 13.60
N TRP B 173 -8.97 5.18 13.99
CA TRP B 173 -7.60 4.95 13.50
C TRP B 173 -7.42 5.01 11.98
N HIS B 174 -7.34 6.23 11.46
CA HIS B 174 -7.13 6.43 10.04
C HIS B 174 -6.04 7.47 9.80
N GLU B 175 -5.34 7.36 8.67
CA GLU B 175 -4.20 8.22 8.38
C GLU B 175 -4.61 9.57 7.79
N ASN B 176 -4.08 10.65 8.33
CA ASN B 176 -4.39 11.98 7.85
C ASN B 176 -3.46 12.53 6.76
N ALA B 177 -2.38 11.82 6.44
CA ALA B 177 -1.46 12.26 5.39
C ALA B 177 -0.79 11.10 4.62
N GLY B 178 -0.67 11.24 3.29
CA GLY B 178 -0.98 12.46 2.58
C GLY B 178 -2.14 12.40 1.60
N SER B 179 -1.85 12.20 0.31
CA SER B 179 -2.86 12.32 -0.76
C SER B 179 -3.57 11.00 -1.09
N TRP B 180 -2.95 9.90 -0.66
CA TRP B 180 -3.57 8.58 -0.79
C TRP B 180 -3.94 8.04 0.58
N PHE B 181 -3.38 8.62 1.64
CA PHE B 181 -3.84 8.38 2.99
C PHE B 181 -3.70 6.91 3.43
N TRP B 182 -2.67 6.22 2.94
CA TRP B 182 -2.39 4.87 3.42
C TRP B 182 -1.69 4.93 4.78
N TRP B 183 -2.21 4.21 5.77
CA TRP B 183 -1.47 4.09 7.03
C TRP B 183 -0.36 3.06 6.88
N GLY B 184 0.88 3.55 6.91
CA GLY B 184 2.06 2.70 6.74
C GLY B 184 2.08 1.50 7.68
N ALA B 185 2.01 1.76 8.98
CA ALA B 185 2.04 0.69 9.98
C ALA B 185 0.97 -0.36 9.73
N ALA B 186 -0.22 0.08 9.32
CA ALA B 186 -1.33 -0.86 9.08
C ALA B 186 -1.05 -1.85 7.96
N TYR B 187 -0.59 -1.34 6.82
CA TYR B 187 -0.30 -2.22 5.68
C TYR B 187 0.92 -3.10 5.98
N GLY B 188 1.80 -2.61 6.84
CA GLY B 188 2.98 -3.35 7.24
C GLY B 188 2.68 -4.49 8.20
N SER B 189 1.60 -4.35 8.96
CA SER B 189 1.19 -5.38 9.91
C SER B 189 -0.33 -5.40 10.02
N PRO B 190 -0.99 -6.03 9.05
CA PRO B 190 -2.45 -5.98 8.91
C PRO B 190 -3.18 -6.68 10.06
N GLY B 191 -2.64 -7.80 10.53
CA GLY B 191 -3.18 -8.50 11.69
C GLY B 191 -3.21 -7.61 12.92
N GLU B 192 -2.16 -6.83 13.11
CA GLU B 192 -2.11 -5.96 14.28
C GLU B 192 -3.09 -4.79 14.16
N TYR B 193 -3.19 -4.20 12.97
CA TYR B 193 -4.22 -3.20 12.74
C TYR B 193 -5.63 -3.80 12.96
N GLN B 194 -5.83 -5.01 12.46
CA GLN B 194 -7.14 -5.65 12.59
C GLN B 194 -7.52 -5.82 14.06
N GLU B 195 -6.58 -6.32 14.87
CA GLU B 195 -6.90 -6.45 16.29
C GLU B 195 -7.07 -5.08 16.98
N LEU B 196 -6.32 -4.05 16.55
CA LEU B 196 -6.53 -2.72 17.10
C LEU B 196 -7.96 -2.23 16.83
N TYR B 197 -8.39 -2.39 15.59
CA TYR B 197 -9.73 -1.95 15.20
C TYR B 197 -10.79 -2.78 15.93
N ARG B 198 -10.61 -4.09 15.93
CA ARG B 198 -11.58 -4.98 16.57
C ARG B 198 -11.70 -4.69 18.06
N PHE B 199 -10.57 -4.53 18.76
CA PHE B 199 -10.64 -4.18 20.18
C PHE B 199 -11.31 -2.83 20.41
N THR B 200 -11.08 -1.88 19.51
CA THR B 200 -11.73 -0.57 19.62
C THR B 200 -13.25 -0.73 19.58
N VAL B 201 -13.76 -1.45 18.59
CA VAL B 201 -15.19 -1.69 18.51
C VAL B 201 -15.72 -2.42 19.75
N GLU B 202 -15.03 -3.49 20.11
CA GLU B 202 -15.45 -4.34 21.22
C GLU B 202 -15.37 -3.62 22.57
N TYR B 203 -14.32 -2.84 22.79
CA TYR B 203 -14.22 -2.13 24.06
C TYR B 203 -15.36 -1.11 24.17
N LEU B 204 -15.57 -0.37 23.10
CA LEU B 204 -16.65 0.63 23.09
C LEU B 204 -18.05 0.01 23.21
N ARG B 205 -18.32 -1.00 22.38
CA ARG B 205 -19.65 -1.60 22.32
C ARG B 205 -19.88 -2.56 23.49
N ASP B 206 -18.96 -3.51 23.67
CA ASP B 206 -19.20 -4.60 24.60
C ASP B 206 -18.81 -4.26 26.04
N VAL B 207 -17.79 -3.41 26.22
CA VAL B 207 -17.38 -3.06 27.56
C VAL B 207 -18.03 -1.78 28.03
N LYS B 208 -18.01 -0.73 27.21
CA LYS B 208 -18.50 0.58 27.64
C LYS B 208 -20.00 0.77 27.39
N GLY B 209 -20.57 -0.04 26.49
CA GLY B 209 -22.00 0.04 26.26
C GLY B 209 -22.44 1.16 25.34
N VAL B 210 -21.49 1.78 24.65
CA VAL B 210 -21.81 2.78 23.63
C VAL B 210 -22.87 2.23 22.68
N SER B 211 -23.96 2.97 22.48
CA SER B 211 -25.06 2.48 21.67
C SER B 211 -25.42 3.39 20.48
N ASN B 212 -24.70 4.50 20.34
CA ASN B 212 -25.03 5.45 19.27
C ASN B 212 -23.93 5.64 18.22
N PHE B 213 -23.11 4.62 18.02
CA PHE B 213 -22.09 4.61 16.98
C PHE B 213 -22.43 3.72 15.77
N LEU B 214 -22.11 4.23 14.58
CA LEU B 214 -21.92 3.41 13.41
C LEU B 214 -20.39 3.40 13.19
N TYR B 215 -19.86 2.30 12.66
CA TYR B 215 -18.41 2.14 12.57
C TYR B 215 -17.92 2.25 11.12
N ALA B 216 -17.05 3.22 10.88
CA ALA B 216 -16.54 3.46 9.53
C ALA B 216 -15.08 3.07 9.43
N TRP B 217 -14.71 2.56 8.26
CA TRP B 217 -13.34 2.21 7.94
C TRP B 217 -13.05 2.56 6.48
N GLY B 218 -11.96 3.29 6.26
CA GLY B 218 -11.47 3.57 4.92
C GLY B 218 -9.96 3.42 4.94
N PRO B 219 -9.41 2.60 4.03
CA PRO B 219 -7.97 2.28 4.11
C PRO B 219 -7.08 3.27 3.35
N GLY B 220 -7.67 4.30 2.75
CA GLY B 220 -6.90 5.24 1.96
C GLY B 220 -7.48 5.34 0.56
N GLY B 221 -6.65 5.63 -0.43
CA GLY B 221 -7.13 5.79 -1.80
C GLY B 221 -6.14 5.29 -2.84
N GLY B 222 -6.51 5.42 -4.11
CA GLY B 222 -5.64 5.02 -5.21
C GLY B 222 -5.36 3.53 -5.33
N PHE B 223 -6.44 2.74 -5.42
CA PHE B 223 -6.36 1.28 -5.50
C PHE B 223 -6.50 0.75 -6.91
N GLY B 224 -6.86 1.63 -7.84
CA GLY B 224 -7.08 1.21 -9.22
C GLY B 224 -8.14 0.14 -9.38
N GLY B 225 -9.08 0.08 -8.43
CA GLY B 225 -10.18 -0.87 -8.48
C GLY B 225 -9.82 -2.23 -7.91
N ASN B 226 -8.65 -2.35 -7.33
CA ASN B 226 -8.13 -3.63 -6.88
C ASN B 226 -8.69 -3.99 -5.49
N ARG B 227 -9.71 -4.85 -5.49
CA ARG B 227 -10.43 -5.22 -4.27
C ARG B 227 -9.50 -5.83 -3.25
N ASP B 228 -8.60 -6.69 -3.72
CA ASP B 228 -7.73 -7.42 -2.81
C ASP B 228 -6.78 -6.51 -2.04
N VAL B 229 -6.24 -5.52 -2.71
CA VAL B 229 -5.37 -4.57 -2.01
C VAL B 229 -6.20 -3.72 -1.04
N TYR B 230 -7.38 -3.30 -1.49
CA TYR B 230 -8.31 -2.50 -0.68
C TYR B 230 -8.66 -3.23 0.62
N LEU B 231 -8.93 -4.52 0.50
CA LEU B 231 -9.42 -5.30 1.65
C LEU B 231 -8.32 -5.82 2.58
N ARG B 232 -7.05 -5.50 2.29
CA ARG B 232 -5.94 -6.06 3.07
C ARG B 232 -6.01 -5.76 4.58
N THR B 233 -6.40 -4.54 4.93
CA THR B 233 -6.52 -4.16 6.34
C THR B 233 -7.96 -4.18 6.86
N TYR B 234 -8.86 -4.78 6.09
CA TYR B 234 -10.28 -4.82 6.44
C TYR B 234 -10.50 -5.54 7.77
N PRO B 235 -11.12 -4.85 8.75
CA PRO B 235 -11.37 -5.47 10.06
C PRO B 235 -12.36 -6.65 10.05
N GLY B 236 -13.29 -6.68 9.11
CA GLY B 236 -14.23 -7.79 8.99
C GLY B 236 -15.69 -7.33 9.05
N ASP B 237 -16.59 -8.15 8.53
CA ASP B 237 -18.00 -7.79 8.41
C ASP B 237 -18.67 -7.49 9.73
N ALA B 238 -18.24 -8.17 10.80
CA ALA B 238 -18.86 -7.97 12.11
C ALA B 238 -18.37 -6.69 12.80
N PHE B 239 -17.54 -5.93 12.12
CA PHE B 239 -16.90 -4.75 12.74
C PHE B 239 -17.05 -3.43 11.97
N VAL B 240 -17.54 -3.48 10.74
CA VAL B 240 -17.60 -2.27 9.91
C VAL B 240 -19.00 -2.06 9.35
N ASP B 241 -19.55 -0.85 9.50
CA ASP B 241 -20.85 -0.49 8.90
C ASP B 241 -20.69 0.29 7.60
N VAL B 242 -19.68 1.15 7.55
CA VAL B 242 -19.44 2.04 6.41
C VAL B 242 -18.05 1.81 5.84
N LEU B 243 -18.00 1.52 4.54
CA LEU B 243 -16.74 1.34 3.83
C LEU B 243 -16.38 2.64 3.12
N GLY B 244 -15.16 3.11 3.33
CA GLY B 244 -14.75 4.41 2.83
C GLY B 244 -13.62 4.38 1.81
N LEU B 245 -13.22 5.58 1.42
CA LEU B 245 -12.19 5.82 0.43
C LEU B 245 -11.76 7.26 0.63
N ASP B 246 -10.44 7.46 0.70
CA ASP B 246 -9.87 8.79 0.89
C ASP B 246 -8.94 9.08 -0.28
N THR B 247 -9.27 10.11 -1.05
CA THR B 247 -8.50 10.42 -2.25
C THR B 247 -8.54 11.92 -2.50
N TYR B 248 -7.37 12.56 -2.48
CA TYR B 248 -7.21 13.95 -2.87
C TYR B 248 -6.49 14.02 -4.20
N ASP B 249 -6.69 15.11 -4.93
CA ASP B 249 -6.06 15.31 -6.23
C ASP B 249 -5.91 16.80 -6.52
N SER B 250 -4.88 17.18 -7.26
CA SER B 250 -4.73 18.57 -7.68
C SER B 250 -4.59 18.70 -9.20
N THR B 251 -4.73 17.59 -9.92
CA THR B 251 -4.53 17.59 -11.36
C THR B 251 -5.83 17.79 -12.15
N GLY B 252 -6.94 17.28 -11.64
CA GLY B 252 -8.20 17.33 -12.37
C GLY B 252 -8.16 16.58 -13.69
N SER B 253 -7.18 15.69 -13.85
CA SER B 253 -6.97 15.01 -15.14
C SER B 253 -8.04 13.97 -15.44
N ASP B 254 -8.25 13.70 -16.72
CA ASP B 254 -9.18 12.65 -17.12
C ASP B 254 -8.74 11.32 -16.52
N ALA B 255 -7.42 11.15 -16.38
CA ALA B 255 -6.84 9.93 -15.86
C ALA B 255 -7.16 9.75 -14.38
N PHE B 256 -7.01 10.82 -13.60
CA PHE B 256 -7.29 10.75 -12.17
C PHE B 256 -8.77 10.45 -11.91
N LEU B 257 -9.65 11.04 -12.70
CA LEU B 257 -11.08 10.85 -12.52
C LEU B 257 -11.46 9.41 -12.83
N ALA B 258 -10.87 8.86 -13.89
CA ALA B 258 -11.12 7.47 -14.27
C ALA B 258 -10.73 6.52 -13.13
N GLY B 259 -9.58 6.78 -12.53
CA GLY B 259 -9.11 5.98 -11.39
C GLY B 259 -9.99 6.15 -10.16
N LEU B 260 -10.43 7.39 -9.90
CA LEU B 260 -11.33 7.65 -8.78
C LEU B 260 -12.64 6.88 -8.94
N VAL B 261 -13.18 6.94 -10.15
CA VAL B 261 -14.43 6.27 -10.48
C VAL B 261 -14.31 4.75 -10.31
N ALA B 262 -13.16 4.20 -10.68
CA ALA B 262 -12.97 2.76 -10.52
C ALA B 262 -13.00 2.39 -9.04
N ASP B 263 -12.38 3.21 -8.20
CA ASP B 263 -12.40 2.94 -6.77
C ASP B 263 -13.77 3.13 -6.13
N LEU B 264 -14.48 4.17 -6.55
CA LEU B 264 -15.83 4.40 -6.05
C LEU B 264 -16.80 3.30 -6.50
N ARG B 265 -16.62 2.79 -7.71
CA ARG B 265 -17.41 1.62 -8.13
C ARG B 265 -17.11 0.42 -7.23
N MSE B 266 -15.82 0.23 -6.99
CA MSE B 266 -15.37 -0.88 -6.18
C MSE B 266 -15.97 -0.89 -4.77
O MSE B 266 -16.46 -1.94 -4.32
CB MSE B 266 -13.85 -0.88 -6.10
CG MSE B 266 -13.30 -1.90 -5.13
SE MSE B 266 -11.39 -1.62 -4.87
CE MSE B 266 -11.43 0.06 -3.84
N ILE B 267 -15.90 0.23 -4.07
CA ILE B 267 -16.46 0.25 -2.72
C ILE B 267 -17.97 0.06 -2.69
N ALA B 268 -18.65 0.61 -3.70
CA ALA B 268 -20.10 0.46 -3.79
C ALA B 268 -20.48 -1.00 -4.03
N GLU B 269 -19.69 -1.69 -4.86
CA GLU B 269 -19.94 -3.11 -5.14
C GLU B 269 -19.69 -3.95 -3.90
N ILE B 270 -18.59 -3.67 -3.21
CA ILE B 270 -18.29 -4.40 -1.98
C ILE B 270 -19.40 -4.20 -0.95
N ALA B 271 -19.79 -2.94 -0.75
CA ALA B 271 -20.84 -2.61 0.19
C ALA B 271 -22.14 -3.33 -0.18
N ASP B 272 -22.53 -3.23 -1.44
CA ASP B 272 -23.76 -3.90 -1.87
C ASP B 272 -23.71 -5.40 -1.56
N GLU B 273 -22.59 -6.05 -1.88
CA GLU B 273 -22.42 -7.48 -1.61
C GLU B 273 -22.61 -7.81 -0.13
N LYS B 274 -22.15 -6.92 0.74
CA LYS B 274 -22.14 -7.17 2.18
C LYS B 274 -23.39 -6.63 2.90
N GLY B 275 -24.28 -5.96 2.15
CA GLY B 275 -25.42 -5.30 2.76
C GLY B 275 -25.01 -4.13 3.65
N LYS B 276 -23.87 -3.52 3.32
CA LYS B 276 -23.37 -2.38 4.08
C LYS B 276 -23.49 -1.09 3.28
N VAL B 277 -22.99 -0.01 3.87
CA VAL B 277 -23.00 1.29 3.24
C VAL B 277 -21.60 1.61 2.75
N SER B 278 -21.50 2.26 1.59
CA SER B 278 -20.22 2.83 1.16
C SER B 278 -20.32 4.35 1.09
N ALA B 279 -19.19 5.03 1.36
CA ALA B 279 -19.09 6.47 1.25
C ALA B 279 -17.70 6.90 0.78
N PHE B 280 -17.66 8.04 0.10
CA PHE B 280 -16.41 8.67 -0.33
C PHE B 280 -15.91 9.43 0.89
N THR B 281 -15.37 8.71 1.88
CA THR B 281 -15.14 9.29 3.19
C THR B 281 -14.32 10.59 3.20
N ARG B 282 -13.31 10.70 2.32
CA ARG B 282 -12.59 11.97 2.21
C ARG B 282 -12.22 12.30 0.78
N PHE B 283 -12.52 13.53 0.39
CA PHE B 283 -12.16 14.03 -0.94
C PHE B 283 -11.67 15.47 -0.82
N GLY B 284 -10.90 15.90 -1.80
CA GLY B 284 -10.51 17.30 -1.85
C GLY B 284 -9.35 17.55 -2.79
N VAL B 285 -9.04 18.83 -2.99
CA VAL B 285 -7.89 19.25 -3.76
C VAL B 285 -6.64 19.08 -2.88
N SER B 286 -5.64 18.37 -3.38
CA SER B 286 -4.41 18.18 -2.61
C SER B 286 -3.84 19.52 -2.21
N GLY B 287 -3.58 19.68 -0.92
CA GLY B 287 -3.02 20.91 -0.40
C GLY B 287 -4.07 21.99 -0.19
N GLY B 288 -5.34 21.68 -0.46
CA GLY B 288 -6.40 22.66 -0.28
C GLY B 288 -6.56 23.60 -1.46
N VAL B 289 -7.45 24.57 -1.32
CA VAL B 289 -7.75 25.50 -2.41
C VAL B 289 -7.25 26.91 -2.11
N GLY B 290 -6.47 27.04 -1.05
CA GLY B 290 -5.94 28.33 -0.65
C GLY B 290 -4.54 28.57 -1.14
N THR B 291 -3.83 29.44 -0.42
CA THR B 291 -2.51 29.92 -0.80
C THR B 291 -1.48 28.81 -0.97
N ASN B 292 -1.52 27.82 -0.10
CA ASN B 292 -0.57 26.72 -0.16
C ASN B 292 -1.01 25.61 -1.13
N GLY B 293 -2.22 25.72 -1.66
CA GLY B 293 -2.77 24.67 -2.49
C GLY B 293 -2.86 25.04 -3.95
N SER B 294 -3.84 24.47 -4.64
CA SER B 294 -4.00 24.70 -6.07
C SER B 294 -5.45 25.03 -6.39
N SER B 295 -5.67 25.60 -7.57
CA SER B 295 -7.01 25.85 -8.07
C SER B 295 -7.23 25.16 -9.41
N PRO B 296 -7.17 23.82 -9.44
CA PRO B 296 -7.40 23.14 -10.72
C PRO B 296 -8.77 23.53 -11.25
N ALA B 297 -8.84 23.86 -12.54
CA ALA B 297 -10.03 24.48 -13.09
C ALA B 297 -11.25 23.56 -13.03
N GLN B 298 -12.36 24.09 -12.51
CA GLN B 298 -13.63 23.38 -12.43
C GLN B 298 -13.52 22.03 -11.73
N TRP B 299 -12.62 21.94 -10.75
CA TRP B 299 -12.33 20.66 -10.11
C TRP B 299 -13.55 20.02 -9.46
N PHE B 300 -14.30 20.79 -8.67
CA PHE B 300 -15.45 20.23 -7.95
C PHE B 300 -16.53 19.71 -8.90
N THR B 301 -16.93 20.51 -9.89
CA THR B 301 -17.97 20.07 -10.81
C THR B 301 -17.48 18.92 -11.70
N LYS B 302 -16.19 18.86 -11.97
CA LYS B 302 -15.63 17.76 -12.77
C LYS B 302 -15.64 16.43 -12.01
N VAL B 303 -15.20 16.47 -10.76
CA VAL B 303 -15.31 15.29 -9.90
C VAL B 303 -16.75 14.79 -9.81
N LEU B 304 -17.67 15.72 -9.53
CA LEU B 304 -19.08 15.37 -9.38
C LEU B 304 -19.67 14.80 -10.67
N ALA B 305 -19.34 15.39 -11.82
CA ALA B 305 -19.86 14.88 -13.08
C ALA B 305 -19.38 13.46 -13.34
N ALA B 306 -18.14 13.16 -12.96
CA ALA B 306 -17.59 11.81 -13.16
C ALA B 306 -18.31 10.79 -12.28
N ILE B 307 -18.58 11.16 -11.03
CA ILE B 307 -19.32 10.29 -10.12
C ILE B 307 -20.74 10.08 -10.64
N LYS B 308 -21.40 11.17 -11.03
CA LYS B 308 -22.76 11.06 -11.55
C LYS B 308 -22.89 10.25 -12.85
N ALA B 309 -21.87 10.28 -13.70
CA ALA B 309 -21.95 9.57 -14.97
C ALA B 309 -21.95 8.05 -14.80
N ASP B 310 -21.50 7.59 -13.64
CA ASP B 310 -21.39 6.16 -13.38
C ASP B 310 -22.44 5.70 -12.37
N PRO B 311 -23.33 4.80 -12.80
CA PRO B 311 -24.44 4.38 -11.94
C PRO B 311 -24.00 3.53 -10.75
N VAL B 312 -22.77 3.03 -10.77
CA VAL B 312 -22.29 2.26 -9.62
C VAL B 312 -21.46 3.16 -8.71
N ALA B 313 -20.57 3.94 -9.31
CA ALA B 313 -19.74 4.87 -8.58
C ALA B 313 -20.59 5.90 -7.82
N SER B 314 -21.78 6.20 -8.34
CA SER B 314 -22.67 7.18 -7.68
C SER B 314 -23.36 6.61 -6.44
N ARG B 315 -23.24 5.29 -6.22
CA ARG B 315 -23.86 4.63 -5.06
C ARG B 315 -23.00 4.80 -3.79
N ASN B 316 -22.77 6.05 -3.43
CA ASN B 316 -21.96 6.39 -2.28
C ASN B 316 -22.65 7.49 -1.48
N ALA B 317 -22.67 7.33 -0.17
CA ALA B 317 -23.63 8.05 0.66
C ALA B 317 -23.23 9.48 0.96
N TYR B 318 -21.93 9.72 1.13
CA TYR B 318 -21.48 11.07 1.44
C TYR B 318 -20.05 11.27 0.99
N MSE B 319 -19.60 12.52 0.94
CA MSE B 319 -18.22 12.84 0.60
C MSE B 319 -17.82 14.03 1.43
O MSE B 319 -18.46 15.09 1.36
CB MSE B 319 -18.06 13.16 -0.88
CG MSE B 319 -18.96 14.29 -1.39
SE MSE B 319 -19.10 14.29 -3.34
CE MSE B 319 -17.26 14.66 -3.87
N GLU B 320 -16.77 13.87 2.25
CA GLU B 320 -16.38 14.93 3.18
C GLU B 320 -15.05 15.57 2.80
N THR B 321 -15.00 16.89 2.77
CA THR B 321 -13.71 17.56 2.53
C THR B 321 -13.14 18.22 3.78
N GLY B 322 -11.91 18.71 3.67
CA GLY B 322 -11.10 19.05 4.85
C GLY B 322 -11.40 20.38 5.49
N GLU B 323 -10.75 20.60 6.63
CA GLU B 323 -11.03 21.75 7.48
C GLU B 323 -10.53 23.07 6.88
N ASN B 324 -11.30 24.15 7.10
CA ASN B 324 -10.89 25.47 6.63
C ASN B 324 -10.08 26.17 7.74
N ALA B 325 -8.78 25.95 7.73
CA ALA B 325 -7.92 26.36 8.85
C ALA B 325 -7.51 27.81 8.73
N ASP B 326 -6.93 28.17 7.59
CA ASP B 326 -6.51 29.55 7.34
C ASP B 326 -6.36 29.80 5.85
N ALA B 327 -5.92 31.00 5.48
CA ALA B 327 -5.84 31.37 4.06
C ALA B 327 -4.89 30.45 3.29
N GLY B 328 -3.85 29.98 3.95
CA GLY B 328 -2.91 29.10 3.31
C GLY B 328 -3.50 27.70 3.22
N GLN B 329 -4.27 27.33 4.23
CA GLN B 329 -4.71 25.96 4.42
C GLN B 329 -6.22 25.87 4.60
N HIS B 330 -6.95 25.65 3.51
CA HIS B 330 -8.40 25.45 3.61
C HIS B 330 -8.93 24.70 2.38
N PHE B 331 -10.09 24.05 2.53
CA PHE B 331 -10.55 23.12 1.50
C PHE B 331 -11.86 23.51 0.81
N VAL B 332 -12.71 24.24 1.51
CA VAL B 332 -13.90 24.82 0.90
C VAL B 332 -13.52 26.23 0.47
N PRO B 333 -13.67 26.54 -0.83
CA PRO B 333 -13.31 27.86 -1.36
C PRO B 333 -14.11 28.97 -0.69
N VAL B 334 -13.47 30.11 -0.48
CA VAL B 334 -14.11 31.29 0.11
C VAL B 334 -13.88 32.50 -0.80
N PRO B 335 -14.56 33.62 -0.51
CA PRO B 335 -14.40 34.80 -1.37
C PRO B 335 -12.93 35.14 -1.62
N GLY B 336 -12.58 35.41 -2.87
CA GLY B 336 -11.20 35.62 -3.25
C GLY B 336 -10.53 34.39 -3.85
N ASP B 337 -11.07 33.20 -3.58
CA ASP B 337 -10.53 31.95 -4.15
C ASP B 337 -11.01 31.71 -5.56
N ALA B 338 -10.09 31.28 -6.43
CA ALA B 338 -10.45 31.04 -7.82
C ALA B 338 -11.50 29.93 -7.97
N LEU B 339 -11.53 28.97 -7.04
CA LEU B 339 -12.46 27.85 -7.15
C LEU B 339 -13.83 28.14 -6.52
N LEU B 340 -14.05 29.36 -6.04
CA LEU B 340 -15.31 29.71 -5.38
C LEU B 340 -16.52 29.43 -6.28
N GLU B 341 -16.52 30.02 -7.47
CA GLU B 341 -17.66 29.87 -8.37
C GLU B 341 -17.92 28.40 -8.70
N ASP B 342 -16.87 27.63 -8.94
CA ASP B 342 -17.07 26.22 -9.25
C ASP B 342 -17.65 25.45 -8.05
N PHE B 343 -17.18 25.76 -6.85
CA PHE B 343 -17.70 25.07 -5.67
C PHE B 343 -19.16 25.43 -5.48
N GLN B 344 -19.50 26.69 -5.74
CA GLN B 344 -20.91 27.11 -5.64
C GLN B 344 -21.79 26.33 -6.62
N ALA B 345 -21.26 26.02 -7.79
CA ALA B 345 -21.99 25.22 -8.79
C ALA B 345 -22.17 23.77 -8.34
N TYR B 346 -21.08 23.21 -7.81
CA TYR B 346 -21.09 21.90 -7.17
C TYR B 346 -22.19 21.82 -6.11
N ALA B 347 -22.24 22.84 -5.25
CA ALA B 347 -23.23 22.91 -4.19
C ALA B 347 -24.66 23.03 -4.73
N ALA B 348 -24.83 23.77 -5.81
CA ALA B 348 -26.16 24.00 -6.37
C ALA B 348 -26.72 22.78 -7.10
N ASP B 349 -25.81 21.89 -7.53
CA ASP B 349 -26.21 20.67 -8.24
C ASP B 349 -27.25 19.89 -7.45
N PRO B 350 -28.30 19.39 -8.11
CA PRO B 350 -29.30 18.63 -7.36
C PRO B 350 -28.74 17.35 -6.72
N PHE B 351 -27.63 16.83 -7.23
CA PHE B 351 -27.14 15.57 -6.70
C PHE B 351 -26.45 15.70 -5.33
N THR B 352 -25.90 16.86 -5.03
CA THR B 352 -25.24 17.03 -3.73
C THR B 352 -26.26 17.47 -2.69
N LEU B 353 -26.23 16.82 -1.54
CA LEU B 353 -27.20 17.12 -0.51
C LEU B 353 -26.58 17.89 0.63
N PHE B 354 -27.27 18.94 1.05
CA PHE B 354 -26.82 19.77 2.18
C PHE B 354 -27.80 19.62 3.36
N ALA B 355 -27.49 20.26 4.47
CA ALA B 355 -28.24 20.05 5.71
C ALA B 355 -29.76 20.13 5.55
N SER B 356 -30.22 21.17 4.87
CA SER B 356 -31.67 21.39 4.77
C SER B 356 -32.34 20.35 3.90
N GLU B 357 -31.53 19.51 3.24
CA GLU B 357 -32.08 18.47 2.37
C GLU B 357 -32.04 17.09 3.02
N VAL B 358 -31.54 17.03 4.24
CA VAL B 358 -31.54 15.79 4.99
C VAL B 358 -32.90 15.62 5.64
N THR B 359 -33.60 14.56 5.28
CA THR B 359 -34.88 14.30 5.90
C THR B 359 -35.07 12.80 6.11
N GLY B 360 -35.78 12.45 7.17
CA GLY B 360 -36.09 11.06 7.46
C GLY B 360 -34.86 10.21 7.80
N ALA B 361 -33.80 10.84 8.28
CA ALA B 361 -32.59 10.11 8.61
C ALA B 361 -32.70 9.35 9.94
N PHE B 362 -33.40 9.93 10.92
CA PHE B 362 -33.37 9.41 12.28
C PHE B 362 -34.68 8.81 12.81
N ASP B 363 -35.78 9.02 12.11
CA ASP B 363 -37.09 8.62 12.64
C ASP B 363 -37.61 7.33 12.03
N ARG B 364 -36.75 6.59 11.34
CA ARG B 364 -37.19 5.33 10.74
C ARG B 364 -37.34 4.23 11.77
N THR B 365 -38.14 3.23 11.43
CA THR B 365 -38.30 2.06 12.28
C THR B 365 -37.57 0.91 11.61
N VAL B 366 -36.43 0.53 12.19
CA VAL B 366 -35.58 -0.49 11.60
C VAL B 366 -35.01 -1.43 12.65
N ALA B 367 -35.03 -2.72 12.37
CA ALA B 367 -34.55 -3.73 13.31
C ALA B 367 -33.13 -4.16 12.97
N ALA B 368 -32.36 -4.56 13.98
CA ALA B 368 -31.02 -5.06 13.74
C ALA B 368 -30.99 -6.57 13.55
N ALA B 369 -30.28 -7.04 12.54
CA ALA B 369 -29.99 -8.47 12.44
C ALA B 369 -29.23 -8.86 13.71
N PRO B 370 -29.35 -10.14 14.12
CA PRO B 370 -28.60 -10.56 15.30
C PRO B 370 -27.10 -10.49 15.04
N ALA B 371 -26.32 -10.15 16.06
CA ALA B 371 -24.87 -10.08 15.91
C ALA B 371 -24.36 -11.41 15.37
N GLN B 372 -23.40 -11.36 14.46
CA GLN B 372 -22.75 -12.56 13.94
C GLN B 372 -21.73 -13.08 14.95
N PRO B 373 -21.76 -14.39 15.25
CA PRO B 373 -20.72 -14.93 16.13
C PRO B 373 -19.35 -14.75 15.48
N VAL B 374 -18.36 -14.32 16.26
CA VAL B 374 -17.00 -14.11 15.77
C VAL B 374 -16.00 -14.60 16.81
N VAL B 375 -14.89 -15.16 16.33
CA VAL B 375 -13.77 -15.48 17.21
C VAL B 375 -12.52 -14.88 16.60
N HIS B 376 -11.73 -14.20 17.42
CA HIS B 376 -10.41 -13.75 16.97
C HIS B 376 -9.43 -13.76 18.13
N ILE B 377 -8.16 -13.93 17.79
CA ILE B 377 -7.11 -13.95 18.81
C ILE B 377 -6.55 -12.55 18.92
N ALA B 378 -6.84 -11.89 20.05
CA ALA B 378 -6.44 -10.50 20.25
C ALA B 378 -4.94 -10.39 20.58
N SER B 379 -4.40 -11.38 21.26
CA SER B 379 -2.96 -11.49 21.46
C SER B 379 -2.58 -12.96 21.58
N PRO B 380 -1.59 -13.40 20.78
CA PRO B 380 -0.83 -12.56 19.84
C PRO B 380 -1.58 -12.32 18.53
N ALA B 381 -1.58 -11.07 18.07
CA ALA B 381 -2.20 -10.71 16.80
C ALA B 381 -1.55 -11.45 15.65
N ASP B 382 -2.32 -11.73 14.60
CA ASP B 382 -1.76 -12.37 13.43
C ASP B 382 -0.62 -11.52 12.84
N GLY B 383 0.52 -12.17 12.58
CA GLY B 383 1.69 -11.50 12.04
C GLY B 383 2.55 -10.85 13.10
N ALA B 384 2.15 -10.93 14.37
CA ALA B 384 2.89 -10.24 15.42
C ALA B 384 4.20 -10.95 15.70
N ARG B 385 5.11 -10.28 16.39
CA ARG B 385 6.37 -10.90 16.80
C ARG B 385 6.32 -11.11 18.31
N VAL B 386 6.46 -12.36 18.73
CA VAL B 386 6.29 -12.74 20.12
C VAL B 386 7.61 -12.95 20.86
N ALA B 387 7.89 -12.12 21.84
CA ALA B 387 9.06 -12.29 22.70
C ALA B 387 8.99 -13.59 23.50
N SER B 388 10.15 -14.14 23.84
CA SER B 388 10.24 -15.35 24.66
C SER B 388 10.06 -15.04 26.14
N ALA B 389 8.97 -14.38 26.47
CA ALA B 389 8.72 -13.92 27.84
C ALA B 389 7.27 -14.18 28.20
N PRO B 390 6.98 -14.32 29.51
CA PRO B 390 5.60 -14.65 29.89
C PRO B 390 4.63 -13.61 29.36
N THR B 391 3.50 -14.05 28.85
CA THR B 391 2.51 -13.16 28.25
C THR B 391 1.15 -13.82 28.47
N THR B 392 0.11 -13.24 27.90
CA THR B 392 -1.25 -13.76 28.06
C THR B 392 -1.82 -13.98 26.66
N VAL B 393 -2.33 -15.17 26.39
CA VAL B 393 -3.09 -15.36 25.15
C VAL B 393 -4.49 -14.85 25.40
N ARG B 394 -5.00 -14.02 24.49
CA ARG B 394 -6.32 -13.40 24.65
C ARG B 394 -7.16 -13.72 23.43
N VAL B 395 -8.30 -14.37 23.65
CA VAL B 395 -9.21 -14.70 22.57
C VAL B 395 -10.56 -14.04 22.80
N ARG B 396 -11.09 -13.38 21.77
CA ARG B 396 -12.42 -12.81 21.87
C ARG B 396 -13.41 -13.73 21.16
N VAL B 397 -14.45 -14.14 21.88
CA VAL B 397 -15.57 -14.82 21.25
C VAL B 397 -16.80 -13.93 21.46
N GLY B 398 -17.34 -13.38 20.38
CA GLY B 398 -18.49 -12.50 20.50
C GLY B 398 -19.71 -13.07 19.83
N GLY B 399 -20.88 -12.61 20.26
CA GLY B 399 -22.12 -12.91 19.59
C GLY B 399 -22.74 -14.27 19.92
N THR B 400 -22.23 -14.94 20.95
CA THR B 400 -22.77 -16.24 21.35
C THR B 400 -22.32 -16.62 22.76
N ASP B 401 -23.08 -17.49 23.42
CA ASP B 401 -22.65 -17.99 24.72
C ASP B 401 -21.55 -19.00 24.48
N VAL B 402 -20.57 -19.04 25.38
CA VAL B 402 -19.36 -19.83 25.18
C VAL B 402 -19.16 -20.78 26.36
N GLN B 403 -18.93 -22.05 26.06
CA GLN B 403 -18.66 -23.07 27.09
C GLN B 403 -17.16 -23.23 27.37
N SER B 404 -16.35 -23.26 26.32
CA SER B 404 -14.91 -23.43 26.49
C SER B 404 -14.13 -22.92 25.29
N VAL B 405 -12.86 -22.61 25.52
CA VAL B 405 -11.95 -22.21 24.44
C VAL B 405 -10.60 -22.85 24.71
N THR B 406 -10.04 -23.51 23.70
CA THR B 406 -8.72 -24.08 23.87
C THR B 406 -7.83 -23.50 22.80
N VAL B 407 -6.53 -23.45 23.08
CA VAL B 407 -5.59 -22.88 22.15
C VAL B 407 -4.46 -23.89 21.96
N GLU B 408 -4.14 -24.20 20.71
CA GLU B 408 -3.01 -25.06 20.42
C GLU B 408 -1.93 -24.21 19.80
N VAL B 409 -0.71 -24.33 20.31
CA VAL B 409 0.41 -23.63 19.72
C VAL B 409 1.27 -24.66 18.99
N ALA B 410 1.42 -24.48 17.69
CA ALA B 410 2.23 -25.38 16.88
C ALA B 410 3.45 -24.68 16.29
N GLN B 411 4.60 -25.32 16.41
CA GLN B 411 5.85 -24.80 15.86
C GLN B 411 6.33 -25.82 14.84
N GLY B 412 5.83 -25.70 13.62
CA GLY B 412 6.07 -26.71 12.61
C GLY B 412 5.30 -27.97 12.94
N GLY B 413 4.29 -28.27 12.12
CA GLY B 413 3.44 -29.44 12.27
C GLY B 413 3.59 -30.25 13.55
N THR B 414 3.76 -29.55 14.68
CA THR B 414 3.91 -30.22 15.97
C THR B 414 3.40 -29.35 17.11
N VAL B 415 2.35 -29.81 17.77
CA VAL B 415 1.78 -29.08 18.89
C VAL B 415 2.79 -28.97 20.03
N VAL B 416 3.14 -27.73 20.38
CA VAL B 416 4.12 -27.48 21.43
C VAL B 416 3.44 -27.16 22.75
N ASP B 417 2.22 -26.66 22.68
CA ASP B 417 1.49 -26.24 23.86
C ASP B 417 -0.01 -26.34 23.62
N THR B 418 -0.75 -26.79 24.63
CA THR B 418 -2.20 -26.75 24.61
C THR B 418 -2.71 -26.01 25.83
N LEU B 419 -3.46 -24.94 25.61
CA LEU B 419 -3.93 -24.08 26.69
C LEU B 419 -5.46 -24.16 26.84
N ASP B 420 -5.92 -24.27 28.08
CA ASP B 420 -7.35 -24.20 28.35
C ASP B 420 -7.65 -22.83 28.92
N LEU B 421 -8.39 -22.01 28.18
CA LEU B 421 -8.65 -20.63 28.60
C LEU B 421 -9.80 -20.51 29.59
N ALA B 422 -9.83 -19.38 30.30
CA ALA B 422 -10.93 -19.05 31.18
C ALA B 422 -11.40 -17.64 30.87
N TYR B 423 -12.69 -17.37 31.05
CA TYR B 423 -13.25 -16.06 30.76
C TYR B 423 -12.76 -15.04 31.80
N ASP B 424 -12.26 -13.90 31.34
CA ASP B 424 -11.71 -12.90 32.26
C ASP B 424 -12.79 -12.10 33.00
N GLY B 425 -14.04 -12.36 32.68
CA GLY B 425 -15.14 -11.68 33.34
C GLY B 425 -15.62 -10.41 32.64
N ALA B 426 -14.91 -9.98 31.60
CA ALA B 426 -15.25 -8.71 30.92
C ALA B 426 -15.18 -8.72 29.39
N LEU B 427 -14.22 -9.45 28.81
CA LEU B 427 -14.02 -9.35 27.36
C LEU B 427 -13.41 -10.59 26.69
N TRP B 428 -12.30 -11.10 27.25
CA TRP B 428 -11.57 -12.18 26.61
C TRP B 428 -11.55 -13.46 27.43
N TRP B 429 -11.40 -14.58 26.72
CA TRP B 429 -10.95 -15.82 27.32
C TRP B 429 -9.42 -15.77 27.30
N THR B 430 -8.79 -16.12 28.41
CA THR B 430 -7.34 -15.97 28.50
C THR B 430 -6.64 -17.15 29.15
N ALA B 431 -5.33 -17.20 28.95
CA ALA B 431 -4.47 -18.14 29.66
C ALA B 431 -3.04 -17.62 29.64
N PRO B 432 -2.25 -17.99 30.64
CA PRO B 432 -0.82 -17.67 30.60
C PRO B 432 -0.14 -18.46 29.48
N TRP B 433 0.82 -17.82 28.83
CA TRP B 433 1.59 -18.47 27.78
C TRP B 433 3.04 -18.01 27.87
N SER B 434 3.96 -18.97 27.94
CA SER B 434 5.38 -18.66 27.97
C SER B 434 6.10 -19.30 26.79
N PRO B 435 6.12 -18.62 25.65
CA PRO B 435 6.75 -19.15 24.45
C PRO B 435 8.21 -19.49 24.72
N THR B 436 8.69 -20.60 24.18
CA THR B 436 10.04 -21.06 24.46
C THR B 436 11.01 -20.78 23.32
N SER B 437 12.25 -21.23 23.49
CA SER B 437 13.31 -21.03 22.48
C SER B 437 13.66 -19.55 22.33
N ASN B 442 12.62 -22.96 12.34
CA ASN B 442 11.26 -22.52 12.04
C ASN B 442 10.96 -21.12 12.58
N SER B 443 11.09 -20.95 13.89
CA SER B 443 10.84 -19.66 14.54
C SER B 443 9.51 -19.03 14.13
N THR B 444 8.49 -19.88 13.95
CA THR B 444 7.15 -19.40 13.61
C THR B 444 6.07 -20.24 14.29
N TYR B 445 5.40 -19.65 15.27
CA TYR B 445 4.26 -20.32 15.89
C TYR B 445 3.01 -20.19 15.00
N THR B 446 2.19 -21.24 14.96
CA THR B 446 0.80 -21.07 14.56
C THR B 446 0.01 -21.19 15.85
N VAL B 447 -0.95 -20.29 16.06
CA VAL B 447 -1.72 -20.28 17.29
C VAL B 447 -3.18 -20.44 16.87
N THR B 448 -3.79 -21.54 17.29
CA THR B 448 -5.16 -21.84 16.86
C THR B 448 -6.12 -21.88 18.04
N ALA B 449 -7.18 -21.06 17.97
CA ALA B 449 -8.17 -21.01 19.05
C ALA B 449 -9.45 -21.71 18.60
N THR B 450 -9.98 -22.57 19.45
CA THR B 450 -11.20 -23.31 19.16
C THR B 450 -12.23 -23.07 20.26
N ALA B 451 -13.31 -22.39 19.92
CA ALA B 451 -14.35 -22.08 20.89
C ALA B 451 -15.56 -23.01 20.71
N THR B 452 -15.96 -23.65 21.80
CA THR B 452 -17.15 -24.49 21.83
C THR B 452 -18.29 -23.62 22.36
N THR B 453 -19.27 -23.33 21.51
CA THR B 453 -20.26 -22.30 21.81
C THR B 453 -21.67 -22.70 21.37
N ALA B 454 -22.65 -21.97 21.87
CA ALA B 454 -24.05 -22.14 21.46
C ALA B 454 -24.26 -21.94 19.96
N ALA B 455 -23.28 -21.33 19.30
CA ALA B 455 -23.35 -21.13 17.85
C ALA B 455 -22.60 -22.21 17.10
N GLY B 456 -22.09 -23.20 17.84
CA GLY B 456 -21.27 -24.23 17.22
C GLY B 456 -19.80 -24.11 17.57
N THR B 457 -18.95 -24.73 16.77
CA THR B 457 -17.52 -24.68 17.03
C THR B 457 -16.87 -23.66 16.09
N LEU B 458 -16.31 -22.61 16.69
CA LEU B 458 -15.68 -21.53 15.93
C LEU B 458 -14.18 -21.62 16.17
N ASP B 459 -13.40 -21.49 15.11
CA ASP B 459 -11.94 -21.51 15.25
C ASP B 459 -11.29 -20.43 14.41
N VAL B 460 -10.04 -20.12 14.76
CA VAL B 460 -9.26 -19.12 14.03
C VAL B 460 -7.80 -19.48 14.27
N THR B 461 -6.97 -19.23 13.28
CA THR B 461 -5.54 -19.49 13.39
C THR B 461 -4.77 -18.22 13.10
N ASN B 462 -3.88 -17.84 14.02
CA ASN B 462 -2.96 -16.74 13.80
C ASN B 462 -1.57 -17.31 13.58
N GLU B 463 -0.83 -16.75 12.62
CA GLU B 463 0.54 -17.15 12.42
C GLU B 463 1.43 -16.05 12.98
N VAL B 464 2.34 -16.42 13.89
CA VAL B 464 3.16 -15.43 14.56
C VAL B 464 4.65 -15.78 14.49
N ALA B 465 5.50 -14.81 14.80
CA ALA B 465 6.94 -15.05 14.71
C ALA B 465 7.58 -14.96 16.09
N ALA B 466 8.68 -15.67 16.28
CA ALA B 466 9.46 -15.56 17.51
C ALA B 466 10.38 -14.35 17.38
N ALA B 467 10.63 -13.66 18.48
CA ALA B 467 11.50 -12.49 18.45
C ALA B 467 12.93 -12.83 18.84
N LEU B 468 13.73 -11.79 19.10
CA LEU B 468 15.14 -11.93 19.47
C LEU B 468 15.96 -12.60 18.35
C ACY C . -2.81 -9.49 -3.21
O ACY C . -1.77 -9.13 -3.84
OXT ACY C . -3.40 -8.68 -2.44
CH3 ACY C . -3.45 -10.82 -3.49
MG MG D . -26.64 20.36 -4.12
C ACY E . -17.26 -11.37 10.04
O ACY E . -16.83 -12.02 9.04
OXT ACY E . -16.49 -10.53 10.65
CH3 ACY E . -18.65 -11.65 10.50
C1 PEG F . 6.00 4.55 15.79
O1 PEG F . 7.00 3.93 16.59
C2 PEG F . 6.00 3.88 14.41
O2 PEG F . 5.02 4.50 13.58
C3 PEG F . 3.73 4.38 14.20
C4 PEG F . 2.67 4.96 13.25
O4 PEG F . 2.68 4.22 12.02
#